data_6LNH
#
_entry.id   6LNH
#
_cell.length_a   68.425
_cell.length_b   120.965
_cell.length_c   81.715
_cell.angle_alpha   90.000
_cell.angle_beta   108.110
_cell.angle_gamma   90.000
#
_symmetry.space_group_name_H-M   'P 1 21 1'
#
loop_
_entity.id
_entity.type
_entity.pdbx_description
1 polymer L-isoleucine-4-hydroxylase
2 non-polymer 'MERCURY (II) ION'
3 non-polymer 'FE (III) ION'
4 water water
#
_entity_poly.entity_id   1
_entity_poly.type   'polypeptide(L)'
_entity_poly.pdbx_seq_one_letter_code
;GAGAGAGAGEFMKMSGFSIEEKVHEFESKGFLEISNEIFLQEEENHSLLTQAQLDYYNLEDDAYGECRARSYSRYIKYVD
SPDYILDNSNDYFQSKEYNYDDGGKVRQFNSINDSFLCNPLIQNIVRFDTEFAFKTNIIDKSKDLIIGLHQVRYKATKER
PSFSSPIWLHKDDEPVVFLHLMNLSNTAIGGDNLIANSPREINQFISLKEPLETLVFGQKVFHAVTPLGTECSTEAFRDI
LLVTFSYKETK
;
_entity_poly.pdbx_strand_id   A,B,C,D
#
loop_
_chem_comp.id
_chem_comp.type
_chem_comp.name
_chem_comp.formula
FE non-polymer 'FE (III) ION' 'Fe 3'
HG non-polymer 'MERCURY (II) ION' 'Hg 2'
#
# COMPACT_ATOMS: atom_id res chain seq x y z
N GLY A 9 16.46 -8.68 -34.36
CA GLY A 9 15.40 -9.42 -33.66
C GLY A 9 14.51 -8.51 -32.85
N GLU A 10 15.09 -7.73 -31.94
CA GLU A 10 14.41 -6.76 -31.04
C GLU A 10 13.04 -7.27 -30.56
N PHE A 11 11.97 -6.50 -30.78
CA PHE A 11 10.63 -6.90 -30.26
C PHE A 11 9.63 -7.23 -31.37
N MET A 12 8.38 -7.49 -30.95
CA MET A 12 7.25 -7.83 -31.84
C MET A 12 6.32 -6.61 -31.92
N LYS A 13 5.43 -6.59 -32.91
CA LYS A 13 4.47 -5.47 -33.08
C LYS A 13 3.11 -5.91 -32.49
N MET A 14 2.41 -4.96 -31.85
CA MET A 14 1.08 -5.25 -31.23
C MET A 14 1.20 -6.51 -30.35
N SER A 15 0.51 -7.57 -30.74
CA SER A 15 0.54 -8.85 -30.00
C SER A 15 1.99 -9.25 -29.73
N GLY A 16 2.37 -9.31 -28.45
CA GLY A 16 3.75 -9.67 -28.06
C GLY A 16 3.78 -11.00 -27.34
N PHE A 17 3.15 -12.03 -27.93
CA PHE A 17 3.11 -13.39 -27.33
C PHE A 17 4.52 -13.81 -26.94
N SER A 18 5.43 -13.91 -27.92
CA SER A 18 6.85 -14.28 -27.73
C SER A 18 6.98 -15.45 -26.75
N ILE A 19 6.18 -16.50 -26.93
CA ILE A 19 6.22 -17.66 -26.00
C ILE A 19 7.63 -18.25 -26.04
N GLU A 20 8.19 -18.43 -27.24
CA GLU A 20 9.56 -18.99 -27.39
C GLU A 20 10.56 -18.06 -26.70
N GLU A 21 10.36 -16.75 -26.84
CA GLU A 21 11.26 -15.76 -26.17
C GLU A 21 11.12 -15.93 -24.65
N LYS A 22 9.89 -16.13 -24.18
CA LYS A 22 9.60 -16.32 -22.73
C LYS A 22 10.30 -17.60 -22.25
N VAL A 23 10.11 -18.70 -22.98
CA VAL A 23 10.69 -20.03 -22.61
C VAL A 23 12.21 -19.91 -22.50
N HIS A 24 12.86 -19.27 -23.47
CA HIS A 24 14.35 -19.11 -23.42
C HIS A 24 14.74 -18.42 -22.11
N GLU A 25 14.05 -17.33 -21.77
CA GLU A 25 14.33 -16.59 -20.52
C GLU A 25 14.07 -17.50 -19.31
N PHE A 26 12.99 -18.29 -19.36
CA PHE A 26 12.67 -19.15 -18.22
C PHE A 26 13.74 -20.20 -17.98
N GLU A 27 14.20 -20.86 -19.05
CA GLU A 27 15.26 -21.86 -18.89
C GLU A 27 16.57 -21.22 -18.49
N SER A 28 16.81 -19.99 -18.93
CA SER A 28 18.07 -19.32 -18.62
C SER A 28 18.09 -18.82 -17.17
N LYS A 29 16.95 -18.41 -16.64
CA LYS A 29 16.87 -17.88 -15.28
C LYS A 29 16.42 -18.90 -14.24
N GLY A 30 15.56 -19.85 -14.61
CA GLY A 30 14.97 -20.75 -13.65
C GLY A 30 13.63 -20.29 -13.10
N PHE A 31 13.18 -19.10 -13.50
CA PHE A 31 11.89 -18.56 -13.09
C PHE A 31 11.49 -17.52 -14.13
N LEU A 32 10.21 -17.16 -14.14
CA LEU A 32 9.75 -16.17 -15.10
C LEU A 32 8.46 -15.54 -14.60
N GLU A 33 8.42 -14.21 -14.61
CA GLU A 33 7.21 -13.46 -14.31
C GLU A 33 6.44 -13.30 -15.60
N ILE A 34 5.13 -13.57 -15.56
CA ILE A 34 4.27 -13.39 -16.77
C ILE A 34 3.15 -12.42 -16.40
N SER A 35 2.89 -11.43 -17.27
CA SER A 35 1.83 -10.42 -17.03
C SER A 35 0.45 -11.03 -17.25
N ASN A 36 -0.59 -10.39 -16.71
CA ASN A 36 -1.99 -10.88 -16.81
C ASN A 36 -2.62 -10.44 -18.14
N GLU A 37 -1.92 -9.56 -18.89
CA GLU A 37 -2.43 -9.02 -20.17
C GLU A 37 -2.81 -10.14 -21.15
N ILE A 38 -2.00 -11.21 -21.23
CA ILE A 38 -2.25 -12.33 -22.17
C ILE A 38 -3.55 -13.08 -21.83
N PHE A 39 -3.97 -13.10 -20.56
CA PHE A 39 -5.21 -13.81 -20.15
C PHE A 39 -6.42 -12.88 -20.23
N LEU A 40 -6.20 -11.56 -20.32
CA LEU A 40 -7.33 -10.60 -20.34
C LEU A 40 -7.42 -9.89 -21.69
N GLN A 41 -7.58 -10.65 -22.78
CA GLN A 41 -7.68 -10.05 -24.13
C GLN A 41 -9.15 -10.10 -24.59
N GLU A 42 -9.98 -10.91 -23.93
CA GLU A 42 -11.39 -11.00 -24.32
C GLU A 42 -12.18 -10.34 -23.19
N GLU A 43 -13.20 -9.52 -23.50
CA GLU A 43 -13.90 -8.77 -22.45
C GLU A 43 -14.67 -9.63 -21.45
N GLU A 44 -15.13 -10.82 -21.84
CA GLU A 44 -15.75 -11.75 -20.90
C GLU A 44 -14.78 -12.46 -19.95
N ASN A 45 -13.47 -12.47 -20.23
CA ASN A 45 -12.55 -13.02 -19.25
C ASN A 45 -12.66 -12.28 -17.92
N HIS A 46 -13.04 -11.00 -17.94
CA HIS A 46 -13.22 -10.25 -16.70
C HIS A 46 -14.38 -10.80 -15.87
N SER A 47 -15.47 -11.23 -16.53
CA SER A 47 -16.57 -11.80 -15.78
C SER A 47 -16.30 -13.26 -15.43
N LEU A 48 -15.58 -13.98 -16.28
CA LEU A 48 -15.17 -15.34 -15.94
C LEU A 48 -14.19 -15.33 -14.78
N LEU A 49 -13.29 -14.33 -14.76
CA LEU A 49 -12.40 -14.17 -13.62
C LEU A 49 -13.18 -13.98 -12.33
N THR A 50 -14.23 -13.17 -12.37
CA THR A 50 -15.04 -12.95 -11.18
C THR A 50 -15.67 -14.24 -10.68
N GLN A 51 -16.15 -15.09 -11.60
CA GLN A 51 -16.72 -16.37 -11.18
C GLN A 51 -15.66 -17.27 -10.56
N ALA A 52 -14.47 -17.29 -11.16
CA ALA A 52 -13.38 -18.08 -10.59
C ALA A 52 -13.02 -17.58 -9.18
N GLN A 53 -12.99 -16.26 -9.00
CA GLN A 53 -12.64 -15.70 -7.69
C GLN A 53 -13.68 -16.03 -6.64
N LEU A 54 -14.97 -16.04 -7.03
CA LEU A 54 -16.03 -16.28 -6.06
C LEU A 54 -16.03 -17.72 -5.57
N ASP A 55 -15.45 -18.64 -6.34
CA ASP A 55 -15.38 -20.03 -5.92
C ASP A 55 -14.48 -20.24 -4.71
N TYR A 56 -13.54 -19.32 -4.44
CA TYR A 56 -12.65 -19.48 -3.31
C TYR A 56 -13.35 -19.31 -1.97
N TYR A 57 -14.57 -18.79 -1.97
CA TYR A 57 -15.33 -18.63 -0.71
C TYR A 57 -16.01 -19.96 -0.35
N ASN A 58 -15.87 -20.97 -1.23
CA ASN A 58 -16.49 -22.30 -1.04
C ASN A 58 -15.45 -23.31 -0.54
N LEU A 59 -14.16 -22.96 -0.60
CA LEU A 59 -13.09 -23.87 -0.11
C LEU A 59 -13.30 -24.10 1.39
N GLU A 60 -13.27 -25.36 1.83
CA GLU A 60 -13.50 -25.68 3.26
C GLU A 60 -12.23 -26.24 3.90
N ASP A 61 -11.93 -25.79 5.13
CA ASP A 61 -10.77 -26.25 5.94
C ASP A 61 -10.89 -25.63 7.34
N GLY A 65 -4.31 -24.89 12.11
CA GLY A 65 -4.84 -25.73 11.02
C GLY A 65 -5.82 -24.98 10.15
N GLU A 66 -6.13 -23.74 10.51
CA GLU A 66 -7.08 -22.90 9.72
C GLU A 66 -6.30 -21.95 8.82
N CYS A 67 -5.00 -22.22 8.66
CA CYS A 67 -4.05 -21.43 7.84
C CYS A 67 -4.55 -21.29 6.39
N ARG A 68 -5.04 -22.38 5.78
CA ARG A 68 -5.48 -22.30 4.37
C ARG A 68 -6.52 -23.38 4.04
N ALA A 69 -7.25 -23.18 2.95
CA ALA A 69 -8.26 -24.10 2.46
C ALA A 69 -7.81 -24.56 1.08
N ARG A 70 -7.97 -25.85 0.81
CA ARG A 70 -7.35 -26.43 -0.36
C ARG A 70 -8.32 -27.33 -1.11
N SER A 71 -8.11 -27.40 -2.42
CA SER A 71 -8.80 -28.33 -3.28
C SER A 71 -7.81 -28.74 -4.36
N TYR A 72 -7.92 -29.99 -4.81
CA TYR A 72 -6.97 -30.50 -5.79
C TYR A 72 -7.68 -31.39 -6.79
N SER A 73 -7.30 -31.24 -8.05
CA SER A 73 -7.71 -32.13 -9.13
C SER A 73 -6.59 -32.11 -10.18
N ARG A 74 -6.56 -33.14 -11.02
CA ARG A 74 -5.48 -33.25 -11.98
C ARG A 74 -5.99 -33.75 -13.32
N TYR A 75 -5.30 -33.35 -14.38
CA TYR A 75 -5.53 -33.82 -15.73
C TYR A 75 -4.38 -34.70 -16.18
N ILE A 76 -4.69 -35.62 -17.09
CA ILE A 76 -3.68 -36.45 -17.75
C ILE A 76 -3.70 -36.13 -19.24
N LYS A 77 -2.51 -35.88 -19.78
CA LYS A 77 -2.36 -35.60 -21.23
C LYS A 77 -1.47 -36.70 -21.82
N TYR A 78 -2.10 -37.67 -22.50
CA TYR A 78 -1.36 -38.82 -23.11
C TYR A 78 -0.62 -38.35 -24.36
N VAL A 79 0.39 -39.11 -24.78
CA VAL A 79 1.22 -38.75 -25.98
C VAL A 79 0.35 -38.81 -27.25
N ASP A 80 -0.60 -39.75 -27.28
CA ASP A 80 -1.52 -39.99 -28.44
C ASP A 80 -2.12 -38.68 -28.99
N SER A 81 -3.06 -38.07 -28.24
CA SER A 81 -3.74 -36.85 -28.72
C SER A 81 -3.53 -35.67 -27.77
N PRO A 82 -3.87 -34.43 -28.18
CA PRO A 82 -3.70 -33.25 -27.34
C PRO A 82 -4.96 -32.91 -26.54
N ASP A 83 -5.47 -33.87 -25.77
CA ASP A 83 -6.70 -33.66 -24.95
C ASP A 83 -6.33 -33.57 -23.47
N TYR A 84 -7.26 -33.08 -22.65
CA TYR A 84 -7.09 -32.97 -21.18
C TYR A 84 -8.12 -33.89 -20.52
N ILE A 85 -7.66 -34.92 -19.81
CA ILE A 85 -8.60 -35.91 -19.21
C ILE A 85 -8.69 -35.67 -17.70
N LEU A 86 -9.90 -35.37 -17.21
CA LEU A 86 -10.12 -35.13 -15.76
C LEU A 86 -10.05 -36.47 -15.01
N ASP A 87 -8.96 -36.68 -14.26
CA ASP A 87 -8.76 -37.93 -13.47
C ASP A 87 -9.82 -38.04 -12.37
N ASN A 88 -10.23 -39.26 -12.05
CA ASN A 88 -11.27 -39.50 -11.03
C ASN A 88 -10.64 -39.97 -9.71
N SER A 89 -9.33 -39.77 -9.55
CA SER A 89 -8.65 -40.18 -8.29
C SER A 89 -8.44 -38.96 -7.38
N ASN A 90 -7.62 -38.00 -7.83
CA ASN A 90 -7.30 -36.75 -7.08
C ASN A 90 -6.47 -37.06 -5.82
N ASP A 91 -5.70 -38.15 -5.84
CA ASP A 91 -4.85 -38.52 -4.68
C ASP A 91 -3.53 -37.75 -4.78
N TYR A 92 -3.06 -37.20 -3.66
CA TYR A 92 -1.80 -36.41 -3.65
C TYR A 92 -1.27 -36.31 -2.22
N PHE A 93 0.01 -36.65 -2.01
CA PHE A 93 0.61 -36.59 -0.68
C PHE A 93 1.74 -35.57 -0.70
N GLN A 94 1.68 -34.61 0.23
CA GLN A 94 2.62 -33.50 0.32
C GLN A 94 4.08 -33.94 0.31
N GLN A 108 -5.75 -36.33 1.66
CA GLN A 108 -6.60 -36.31 0.47
C GLN A 108 -7.55 -35.12 0.59
N PHE A 109 -7.36 -34.10 -0.27
CA PHE A 109 -8.26 -32.97 -0.25
C PHE A 109 -9.39 -33.12 -1.27
N ASN A 110 -10.42 -32.31 -1.08
CA ASN A 110 -11.56 -32.27 -1.99
C ASN A 110 -11.14 -31.96 -3.41
N SER A 111 -11.97 -32.41 -4.36
CA SER A 111 -11.79 -32.10 -5.75
C SER A 111 -12.18 -30.64 -6.02
N ILE A 112 -11.65 -30.09 -7.11
CA ILE A 112 -12.06 -28.76 -7.51
C ILE A 112 -13.47 -28.84 -8.08
N ASN A 113 -14.31 -27.87 -7.72
CA ASN A 113 -15.70 -27.84 -8.18
C ASN A 113 -15.76 -27.86 -9.71
N ASP A 114 -16.78 -28.56 -10.22
CA ASP A 114 -16.99 -28.64 -11.67
C ASP A 114 -17.14 -27.26 -12.29
N SER A 115 -17.82 -26.34 -11.61
CA SER A 115 -18.03 -25.01 -12.17
C SER A 115 -16.72 -24.27 -12.37
N PHE A 116 -15.72 -24.55 -11.53
CA PHE A 116 -14.41 -23.92 -11.69
C PHE A 116 -13.62 -24.51 -12.84
N LEU A 117 -13.64 -25.84 -13.02
CA LEU A 117 -12.83 -26.47 -14.05
C LEU A 117 -13.41 -26.27 -15.45
N CYS A 118 -14.73 -26.15 -15.58
CA CYS A 118 -15.34 -25.90 -16.87
C CYS A 118 -15.36 -24.42 -17.22
N ASN A 119 -14.98 -23.55 -16.29
CA ASN A 119 -14.80 -22.13 -16.55
C ASN A 119 -13.80 -21.96 -17.70
N PRO A 120 -14.22 -21.41 -18.84
CA PRO A 120 -13.31 -21.30 -20.00
C PRO A 120 -12.01 -20.58 -19.71
N LEU A 121 -11.99 -19.64 -18.76
CA LEU A 121 -10.74 -18.95 -18.46
C LEU A 121 -9.75 -19.88 -17.76
N ILE A 122 -10.22 -20.69 -16.82
CA ILE A 122 -9.35 -21.66 -16.16
C ILE A 122 -8.77 -22.63 -17.18
N GLN A 123 -9.61 -23.06 -18.13
CA GLN A 123 -9.17 -24.00 -19.19
C GLN A 123 -8.13 -23.31 -20.08
N ASN A 124 -8.37 -22.04 -20.41
CA ASN A 124 -7.43 -21.28 -21.28
C ASN A 124 -6.10 -21.10 -20.56
N ILE A 125 -6.15 -20.88 -19.23
CA ILE A 125 -4.89 -20.73 -18.44
C ILE A 125 -4.16 -22.07 -18.49
N VAL A 126 -4.89 -23.16 -18.24
CA VAL A 126 -4.29 -24.53 -18.26
C VAL A 126 -3.67 -24.78 -19.64
N ARG A 127 -4.41 -24.44 -20.71
CA ARG A 127 -3.89 -24.65 -22.09
C ARG A 127 -2.63 -23.82 -22.30
N PHE A 128 -2.64 -22.56 -21.85
CA PHE A 128 -1.44 -21.69 -22.02
C PHE A 128 -0.26 -22.30 -21.27
N ASP A 129 -0.50 -22.79 -20.04
CA ASP A 129 0.57 -23.37 -19.24
C ASP A 129 1.13 -24.64 -19.88
N THR A 130 0.27 -25.48 -20.43
CA THR A 130 0.71 -26.74 -21.01
C THR A 130 1.64 -26.52 -22.20
N GLU A 131 1.25 -25.64 -23.12
CA GLU A 131 2.07 -25.38 -24.30
C GLU A 131 3.37 -24.68 -23.92
N PHE A 132 3.37 -23.90 -22.84
CA PHE A 132 4.63 -23.35 -22.35
C PHE A 132 5.50 -24.47 -21.77
N ALA A 133 4.89 -25.38 -21.02
CA ALA A 133 5.65 -26.49 -20.43
C ALA A 133 6.27 -27.38 -21.51
N PHE A 134 5.50 -27.69 -22.54
CA PHE A 134 5.99 -28.56 -23.61
C PHE A 134 7.15 -27.93 -24.39
N LYS A 135 7.24 -26.60 -24.41
CA LYS A 135 8.34 -25.97 -25.12
C LYS A 135 9.60 -25.86 -24.28
N THR A 136 9.60 -26.41 -23.08
CA THR A 136 10.80 -26.51 -22.27
C THR A 136 11.52 -27.82 -22.58
N ASN A 137 12.82 -27.86 -22.24
CA ASN A 137 13.54 -29.13 -22.30
C ASN A 137 13.15 -30.06 -21.16
N ILE A 138 12.49 -29.53 -20.14
CA ILE A 138 12.17 -30.31 -18.96
C ILE A 138 11.04 -31.30 -19.25
N ILE A 139 10.01 -30.85 -19.97
CA ILE A 139 8.82 -31.65 -20.20
C ILE A 139 8.97 -32.40 -21.52
N ASP A 140 8.90 -33.72 -21.42
CA ASP A 140 8.98 -34.64 -22.56
C ASP A 140 7.62 -34.69 -23.25
N LYS A 141 7.54 -34.27 -24.52
CA LYS A 141 6.18 -34.39 -25.06
C LYS A 141 5.85 -35.87 -25.28
N SER A 142 6.86 -36.75 -25.18
CA SER A 142 6.70 -38.18 -25.39
C SER A 142 6.49 -38.97 -24.11
N LYS A 143 6.13 -38.31 -23.01
CA LYS A 143 5.76 -39.03 -21.80
C LYS A 143 4.36 -38.60 -21.37
N ASP A 144 3.65 -39.52 -20.71
CA ASP A 144 2.32 -39.21 -20.20
C ASP A 144 2.45 -38.22 -19.05
N LEU A 145 1.83 -37.05 -19.19
CA LEU A 145 1.99 -35.97 -18.24
C LEU A 145 0.80 -35.86 -17.29
N ILE A 146 1.09 -35.58 -16.02
CA ILE A 146 0.09 -35.23 -15.02
C ILE A 146 0.07 -33.71 -14.87
N ILE A 147 -1.10 -33.12 -15.13
CA ILE A 147 -1.31 -31.68 -14.96
C ILE A 147 -2.10 -31.49 -13.66
N GLY A 148 -1.41 -31.07 -12.60
CA GLY A 148 -2.07 -30.88 -11.32
C GLY A 148 -2.57 -29.45 -11.13
N LEU A 149 -3.75 -29.33 -10.52
CA LEU A 149 -4.36 -28.04 -10.22
C LEU A 149 -4.58 -27.94 -8.73
N HIS A 150 -3.96 -26.94 -8.10
CA HIS A 150 -4.08 -26.70 -6.67
C HIS A 150 -4.74 -25.35 -6.44
N GLN A 151 -5.94 -25.37 -5.86
CA GLN A 151 -6.69 -24.17 -5.50
C GLN A 151 -6.47 -23.90 -4.02
N VAL A 152 -5.76 -22.82 -3.69
CA VAL A 152 -5.39 -22.55 -2.31
C VAL A 152 -5.85 -21.15 -1.93
N ARG A 153 -6.45 -21.08 -0.75
CA ARG A 153 -6.92 -19.80 -0.16
C ARG A 153 -6.24 -19.63 1.21
N TYR A 154 -5.19 -18.81 1.26
CA TYR A 154 -4.51 -18.53 2.52
C TYR A 154 -5.35 -17.57 3.33
N LYS A 155 -5.54 -17.90 4.60
CA LYS A 155 -6.39 -17.11 5.53
C LYS A 155 -5.50 -16.52 6.62
N ALA A 156 -5.59 -15.21 6.82
CA ALA A 156 -4.77 -14.52 7.80
C ALA A 156 -5.59 -13.63 8.71
N THR A 157 -5.17 -13.56 9.98
CA THR A 157 -5.84 -12.79 11.01
C THR A 157 -4.79 -12.06 11.84
N LYS A 158 -5.23 -11.02 12.58
CA LYS A 158 -4.31 -10.23 13.39
C LYS A 158 -3.63 -11.08 14.46
N GLU A 159 -4.34 -12.09 14.99
CA GLU A 159 -3.81 -13.01 15.97
C GLU A 159 -3.27 -14.29 15.32
N ARG A 160 -3.52 -14.49 14.03
CA ARG A 160 -3.06 -15.62 13.21
C ARG A 160 -2.54 -15.27 11.80
N PRO A 161 -1.22 -15.18 11.67
CA PRO A 161 -0.63 -15.19 10.31
C PRO A 161 -0.77 -16.55 9.65
N SER A 162 -0.66 -16.54 8.32
CA SER A 162 -0.78 -17.70 7.45
C SER A 162 0.54 -17.93 6.74
N PHE A 163 0.97 -19.19 6.67
CA PHE A 163 2.23 -19.53 6.04
C PHE A 163 2.08 -20.81 5.22
N SER A 164 3.03 -21.00 4.33
CA SER A 164 3.02 -22.10 3.37
C SER A 164 3.69 -23.33 3.98
N SER A 165 3.58 -24.45 3.29
CA SER A 165 4.33 -25.66 3.64
C SER A 165 5.03 -26.16 2.41
N PRO A 166 6.39 -26.20 2.38
CA PRO A 166 7.41 -25.79 3.36
C PRO A 166 7.36 -24.31 3.76
N ILE A 167 7.93 -24.01 4.94
CA ILE A 167 7.84 -22.66 5.49
C ILE A 167 8.83 -21.69 4.85
N TRP A 168 9.96 -22.17 4.34
CA TRP A 168 11.03 -21.31 3.85
C TRP A 168 11.43 -21.77 2.44
N LEU A 169 12.66 -21.44 2.04
CA LEU A 169 13.13 -21.75 0.69
C LEU A 169 13.10 -23.24 0.43
N HIS A 170 12.75 -23.62 -0.80
CA HIS A 170 12.54 -25.02 -1.13
C HIS A 170 12.42 -25.14 -2.65
N LYS A 171 12.37 -26.39 -3.11
CA LYS A 171 12.03 -26.71 -4.48
C LYS A 171 10.83 -27.64 -4.48
N ASP A 172 9.92 -27.44 -5.43
CA ASP A 172 8.76 -28.29 -5.50
C ASP A 172 9.09 -29.61 -6.22
N ASP A 173 8.29 -30.64 -5.94
CA ASP A 173 8.52 -31.95 -6.53
C ASP A 173 8.37 -31.94 -8.05
N GLU A 174 7.50 -31.08 -8.56
CA GLU A 174 7.20 -31.06 -10.00
C GLU A 174 8.18 -30.15 -10.72
N PRO A 175 8.70 -30.61 -11.87
CA PRO A 175 9.74 -29.84 -12.57
C PRO A 175 9.29 -28.46 -13.07
N VAL A 176 8.00 -28.29 -13.38
CA VAL A 176 7.49 -27.00 -13.84
C VAL A 176 6.22 -26.70 -13.08
N VAL A 177 6.17 -25.51 -12.45
CA VAL A 177 5.03 -25.10 -11.64
C VAL A 177 4.64 -23.69 -12.04
N PHE A 178 3.34 -23.46 -12.28
CA PHE A 178 2.79 -22.14 -12.56
C PHE A 178 2.02 -21.65 -11.35
N LEU A 179 2.38 -20.48 -10.83
CA LEU A 179 1.67 -19.84 -9.73
C LEU A 179 0.86 -18.67 -10.29
N HIS A 180 -0.46 -18.76 -10.20
CA HIS A 180 -1.36 -17.71 -10.65
C HIS A 180 -2.03 -17.08 -9.44
N LEU A 181 -1.81 -15.78 -9.24
CA LEU A 181 -2.60 -15.05 -8.26
C LEU A 181 -4.03 -14.91 -8.75
N MET A 182 -4.99 -15.27 -7.91
CA MET A 182 -6.40 -15.12 -8.24
C MET A 182 -7.05 -13.93 -7.56
N ASN A 183 -6.66 -13.62 -6.32
CA ASN A 183 -7.29 -12.56 -5.56
C ASN A 183 -6.43 -12.27 -4.34
N LEU A 184 -6.46 -11.00 -3.89
CA LEU A 184 -5.70 -10.57 -2.74
C LEU A 184 -6.46 -9.46 -2.03
N SER A 185 -6.80 -9.69 -0.76
CA SER A 185 -7.45 -8.65 0.03
C SER A 185 -6.55 -7.43 0.15
N ASN A 186 -7.18 -6.25 0.22
CA ASN A 186 -6.40 -5.03 0.42
C ASN A 186 -5.83 -4.95 1.82
N THR A 187 -6.36 -5.75 2.74
CA THR A 187 -5.86 -5.81 4.11
C THR A 187 -4.70 -6.79 4.27
N ALA A 188 -4.36 -7.53 3.22
CA ALA A 188 -3.31 -8.54 3.34
C ALA A 188 -1.94 -7.89 3.21
N ILE A 189 -1.00 -8.36 4.01
CA ILE A 189 0.40 -7.95 3.93
C ILE A 189 1.24 -9.22 3.89
N GLY A 190 2.35 -9.15 3.19
CA GLY A 190 3.20 -10.31 3.01
C GLY A 190 2.76 -11.11 1.80
N GLY A 191 3.09 -12.39 1.81
CA GLY A 191 2.82 -13.22 0.65
C GLY A 191 3.68 -12.86 -0.55
N ASP A 192 4.87 -12.34 -0.30
CA ASP A 192 5.81 -12.03 -1.36
C ASP A 192 6.62 -13.27 -1.74
N ASN A 193 7.00 -13.33 -3.01
CA ASN A 193 7.72 -14.47 -3.56
C ASN A 193 9.22 -14.18 -3.62
N LEU A 194 10.02 -15.16 -3.20
CA LEU A 194 11.47 -15.05 -3.18
C LEU A 194 12.08 -16.05 -4.16
N ILE A 195 13.14 -15.63 -4.85
CA ILE A 195 13.92 -16.49 -5.72
C ILE A 195 15.35 -16.51 -5.19
N ALA A 196 15.91 -17.71 -5.02
CA ALA A 196 17.24 -17.87 -4.47
C ALA A 196 18.06 -18.88 -5.25
N ASN A 197 19.28 -18.49 -5.66
CA ASN A 197 20.19 -19.46 -6.25
C ASN A 197 20.64 -20.50 -5.23
N SER A 198 20.85 -20.08 -3.97
CA SER A 198 21.22 -20.97 -2.87
C SER A 198 20.45 -20.60 -1.62
N PRO A 199 20.41 -21.45 -0.58
CA PRO A 199 19.65 -21.07 0.64
C PRO A 199 20.27 -19.95 1.46
N ARG A 200 21.41 -19.45 1.00
CA ARG A 200 22.11 -18.37 1.73
C ARG A 200 21.92 -17.03 1.04
N GLU A 201 21.13 -16.94 -0.04
CA GLU A 201 21.01 -15.63 -0.61
C GLU A 201 19.65 -15.49 -1.21
N ILE A 202 19.19 -14.25 -1.23
CA ILE A 202 17.96 -13.88 -1.92
C ILE A 202 18.39 -13.11 -3.16
N ASN A 203 17.98 -13.60 -4.33
CA ASN A 203 18.40 -12.98 -5.58
C ASN A 203 17.31 -12.17 -6.26
N GLN A 204 16.04 -12.51 -6.07
CA GLN A 204 14.97 -11.77 -6.70
C GLN A 204 13.75 -11.82 -5.81
N PHE A 205 13.02 -10.71 -5.77
CA PHE A 205 11.89 -10.50 -4.88
C PHE A 205 10.74 -10.05 -5.76
N ILE A 206 9.70 -10.87 -5.85
CA ILE A 206 8.54 -10.61 -6.70
C ILE A 206 7.29 -10.67 -5.85
N SER A 207 6.49 -9.62 -5.91
CA SER A 207 5.25 -9.56 -5.14
C SER A 207 4.10 -9.44 -6.15
N LEU A 208 3.35 -10.53 -6.31
CA LEU A 208 2.17 -10.52 -7.22
C LEU A 208 1.06 -9.70 -6.55
N LYS A 209 0.47 -8.75 -7.28
CA LYS A 209 -0.56 -7.88 -6.66
C LYS A 209 -1.85 -7.90 -7.48
N GLU A 210 -1.75 -7.97 -8.81
CA GLU A 210 -2.97 -7.95 -9.67
C GLU A 210 -3.42 -9.37 -9.97
N PRO A 211 -4.74 -9.63 -10.06
CA PRO A 211 -5.26 -10.96 -10.39
C PRO A 211 -4.72 -11.45 -11.75
N LEU A 212 -4.39 -12.76 -11.81
CA LEU A 212 -3.85 -13.53 -12.96
C LEU A 212 -2.37 -13.22 -13.22
N GLU A 213 -1.71 -12.48 -12.34
CA GLU A 213 -0.25 -12.25 -12.50
C GLU A 213 0.38 -13.62 -12.26
N THR A 214 1.32 -14.04 -13.10
CA THR A 214 1.83 -15.44 -12.98
C THR A 214 3.33 -15.52 -12.73
N LEU A 215 3.72 -16.56 -11.99
CA LEU A 215 5.11 -16.92 -11.73
C LEU A 215 5.29 -18.40 -12.07
N VAL A 216 6.27 -18.71 -12.91
CA VAL A 216 6.58 -20.08 -13.26
C VAL A 216 7.92 -20.44 -12.61
N PHE A 217 7.96 -21.58 -11.95
CA PHE A 217 9.15 -22.04 -11.23
C PHE A 217 9.75 -23.27 -11.88
N GLY A 218 11.07 -23.27 -12.02
CA GLY A 218 11.83 -24.46 -12.30
C GLY A 218 12.66 -24.88 -11.09
N GLN A 219 13.40 -25.97 -11.28
CA GLN A 219 14.19 -26.55 -10.19
C GLN A 219 15.62 -26.04 -10.19
N LYS A 220 15.94 -25.11 -11.07
CA LYS A 220 17.25 -24.49 -11.10
C LYS A 220 17.44 -23.50 -9.95
N VAL A 221 16.34 -23.04 -9.34
CA VAL A 221 16.40 -22.09 -8.25
C VAL A 221 15.51 -22.57 -7.11
N PHE A 222 15.76 -22.04 -5.92
CA PHE A 222 14.87 -22.18 -4.79
C PHE A 222 13.85 -21.06 -4.80
N HIS A 223 12.70 -21.31 -4.20
CA HIS A 223 11.72 -20.26 -4.01
C HIS A 223 11.05 -20.41 -2.66
N ALA A 224 10.33 -19.36 -2.26
CA ALA A 224 9.52 -19.35 -1.06
C ALA A 224 8.48 -18.25 -1.22
N VAL A 225 7.45 -18.30 -0.37
CA VAL A 225 6.50 -17.21 -0.23
C VAL A 225 6.47 -16.81 1.23
N THR A 226 6.76 -15.55 1.51
CA THR A 226 6.75 -15.02 2.87
C THR A 226 5.35 -15.17 3.49
N PRO A 227 5.28 -15.28 4.82
CA PRO A 227 3.97 -15.41 5.48
C PRO A 227 3.03 -14.26 5.15
N LEU A 228 1.73 -14.55 5.28
CA LEU A 228 0.66 -13.59 5.05
C LEU A 228 0.13 -13.07 6.38
N GLY A 229 0.02 -11.74 6.51
CA GLY A 229 -0.44 -11.11 7.72
C GLY A 229 -1.48 -10.03 7.44
N THR A 230 -1.92 -9.40 8.53
CA THR A 230 -2.74 -8.19 8.42
C THR A 230 -2.60 -7.38 9.70
N GLU A 231 -2.52 -6.06 9.56
CA GLU A 231 -2.66 -5.15 10.69
C GLU A 231 -4.08 -4.64 10.87
N CYS A 232 -5.06 -5.34 10.32
CA CYS A 232 -6.44 -4.91 10.36
C CYS A 232 -7.26 -5.88 11.19
N SER A 233 -8.44 -5.41 11.61
CA SER A 233 -9.28 -6.24 12.47
C SER A 233 -10.08 -7.26 11.68
N THR A 234 -10.02 -7.22 10.36
CA THR A 234 -10.76 -8.17 9.54
C THR A 234 -9.82 -9.24 8.97
N GLU A 235 -10.44 -10.28 8.45
CA GLU A 235 -9.74 -11.43 7.92
C GLU A 235 -9.23 -11.16 6.50
N ALA A 236 -7.96 -11.48 6.25
CA ALA A 236 -7.31 -11.28 4.97
C ALA A 236 -7.10 -12.58 4.21
N PHE A 237 -7.16 -12.48 2.88
CA PHE A 237 -7.11 -13.64 1.99
C PHE A 237 -5.98 -13.48 0.98
N ARG A 238 -5.43 -14.61 0.55
CA ARG A 238 -4.58 -14.66 -0.64
C ARG A 238 -4.95 -15.90 -1.44
N ASP A 239 -5.62 -15.70 -2.57
CA ASP A 239 -6.13 -16.80 -3.39
C ASP A 239 -5.22 -17.04 -4.59
N ILE A 240 -4.73 -18.27 -4.72
CA ILE A 240 -3.80 -18.65 -5.78
C ILE A 240 -4.32 -19.90 -6.48
N LEU A 241 -3.84 -20.09 -7.72
CA LEU A 241 -4.04 -21.32 -8.47
C LEU A 241 -2.68 -21.82 -8.91
N LEU A 242 -2.35 -23.07 -8.56
CA LEU A 242 -1.11 -23.69 -9.00
C LEU A 242 -1.39 -24.72 -10.08
N VAL A 243 -0.61 -24.67 -11.15
CA VAL A 243 -0.66 -25.63 -12.25
C VAL A 243 0.70 -26.30 -12.32
N THR A 244 0.74 -27.59 -11.99
CA THR A 244 1.98 -28.33 -11.92
C THR A 244 2.06 -29.35 -13.05
N PHE A 245 3.28 -29.58 -13.53
CA PHE A 245 3.55 -30.56 -14.57
C PHE A 245 4.57 -31.56 -14.06
N SER A 246 4.16 -32.83 -13.96
CA SER A 246 5.06 -33.92 -13.59
C SER A 246 4.67 -35.17 -14.37
N TYR A 247 5.60 -36.13 -14.42
CA TYR A 247 5.43 -37.38 -15.16
C TYR A 247 4.69 -38.35 -14.26
N LYS A 248 3.84 -39.20 -14.84
CA LYS A 248 3.02 -40.02 -13.99
C LYS A 248 3.88 -40.96 -13.15
N GLU A 249 4.94 -41.51 -13.75
CA GLU A 249 5.92 -42.31 -13.07
C GLU A 249 7.17 -42.60 -13.90
N SER B 18 2.00 2.15 33.03
CA SER B 18 1.59 0.89 32.34
C SER B 18 2.83 0.06 32.02
N ILE B 19 4.00 0.46 32.51
CA ILE B 19 5.27 -0.26 32.24
C ILE B 19 5.23 -1.63 32.92
N GLU B 20 4.59 -1.72 34.09
CA GLU B 20 4.50 -3.00 34.84
C GLU B 20 3.77 -4.06 34.00
N GLU B 21 2.59 -3.74 33.50
CA GLU B 21 1.80 -4.72 32.69
C GLU B 21 2.48 -4.98 31.35
N LYS B 22 3.20 -3.99 30.81
CA LYS B 22 3.90 -4.16 29.51
C LYS B 22 5.11 -5.06 29.72
N VAL B 23 5.89 -4.80 30.78
CA VAL B 23 7.09 -5.62 31.09
C VAL B 23 6.64 -7.07 31.34
N HIS B 24 5.57 -7.25 32.12
CA HIS B 24 5.06 -8.61 32.40
C HIS B 24 4.66 -9.27 31.08
N GLU B 25 3.99 -8.51 30.20
CA GLU B 25 3.57 -9.06 28.91
C GLU B 25 4.78 -9.52 28.09
N PHE B 26 5.84 -8.70 28.05
CA PHE B 26 7.04 -9.08 27.33
C PHE B 26 7.64 -10.37 27.88
N GLU B 27 7.67 -10.51 29.21
CA GLU B 27 8.24 -11.70 29.82
C GLU B 27 7.42 -12.95 29.51
N SER B 28 6.10 -12.81 29.38
CA SER B 28 5.26 -13.97 29.09
C SER B 28 5.29 -14.35 27.61
N LYS B 29 5.37 -13.36 26.72
CA LYS B 29 5.35 -13.64 25.29
C LYS B 29 6.73 -13.78 24.67
N GLY B 30 7.72 -13.07 25.20
CA GLY B 30 9.04 -13.04 24.60
C GLY B 30 9.24 -11.90 23.63
N PHE B 31 8.21 -11.10 23.39
CA PHE B 31 8.28 -9.97 22.47
C PHE B 31 7.20 -8.97 22.86
N LEU B 32 7.33 -7.74 22.36
CA LEU B 32 6.36 -6.71 22.68
C LEU B 32 6.34 -5.63 21.60
N GLU B 33 5.13 -5.28 21.16
CA GLU B 33 4.94 -4.17 20.24
C GLU B 33 4.72 -2.90 21.04
N ILE B 34 5.45 -1.84 20.70
CA ILE B 34 5.29 -0.54 21.34
C ILE B 34 5.02 0.48 20.24
N SER B 35 3.93 1.23 20.39
CA SER B 35 3.56 2.20 19.37
C SER B 35 4.41 3.47 19.52
N ASN B 36 4.56 4.19 18.41
CA ASN B 36 5.47 5.32 18.38
C ASN B 36 4.95 6.57 19.09
N GLU B 37 3.72 6.55 19.59
CA GLU B 37 3.15 7.78 20.15
C GLU B 37 3.87 8.21 21.42
N ILE B 38 4.43 7.24 22.13
CA ILE B 38 5.13 7.49 23.42
C ILE B 38 6.34 8.42 23.21
N PHE B 39 6.99 8.34 22.05
CA PHE B 39 8.18 9.19 21.79
C PHE B 39 7.76 10.45 21.01
N LEU B 40 6.47 10.56 20.67
CA LEU B 40 5.98 11.73 19.88
C LEU B 40 4.97 12.54 20.70
N GLN B 41 5.33 12.92 21.93
CA GLN B 41 4.42 13.72 22.79
C GLN B 41 4.70 15.20 22.56
N GLU B 42 5.98 15.60 22.59
CA GLU B 42 6.37 17.01 22.36
C GLU B 42 6.38 17.28 20.85
N GLU B 43 6.05 18.51 20.44
CA GLU B 43 6.00 18.87 19.00
C GLU B 43 7.42 18.95 18.42
N GLU B 44 8.41 19.26 19.26
CA GLU B 44 9.81 19.39 18.83
C GLU B 44 10.37 18.01 18.45
N ASN B 45 9.77 16.93 18.97
CA ASN B 45 10.26 15.59 18.66
C ASN B 45 10.17 15.29 17.17
N HIS B 46 9.19 15.86 16.48
CA HIS B 46 9.07 15.65 15.04
C HIS B 46 10.26 16.21 14.28
N SER B 47 10.82 17.34 14.74
CA SER B 47 11.99 17.90 14.09
C SER B 47 13.25 17.17 14.50
N LEU B 48 13.29 16.67 15.74
CA LEU B 48 14.42 15.84 16.16
C LEU B 48 14.42 14.52 15.41
N LEU B 49 13.24 13.95 15.16
CA LEU B 49 13.15 12.75 14.34
C LEU B 49 13.72 12.99 12.95
N THR B 50 13.41 14.14 12.35
CA THR B 50 13.90 14.45 11.02
C THR B 50 15.43 14.51 11.01
N GLN B 51 16.03 15.09 12.05
CA GLN B 51 17.50 15.15 12.09
C GLN B 51 18.10 13.77 12.23
N ALA B 52 17.51 12.93 13.08
CA ALA B 52 17.99 11.54 13.22
C ALA B 52 17.85 10.78 11.92
N GLN B 53 16.75 11.01 11.19
CA GLN B 53 16.51 10.27 9.95
C GLN B 53 17.53 10.64 8.88
N LEU B 54 17.94 11.91 8.83
CA LEU B 54 18.84 12.36 7.78
C LEU B 54 20.25 11.80 7.93
N ASP B 55 20.64 11.39 9.14
CA ASP B 55 21.96 10.82 9.34
C ASP B 55 22.12 9.49 8.63
N TYR B 56 21.02 8.80 8.32
CA TYR B 56 21.12 7.51 7.65
C TYR B 56 21.59 7.63 6.20
N TYR B 57 21.52 8.83 5.62
CA TYR B 57 22.12 9.04 4.31
C TYR B 57 23.63 9.25 4.39
N ASN B 58 24.20 9.26 5.59
CA ASN B 58 25.62 9.42 5.80
C ASN B 58 26.32 8.11 6.12
N LEU B 59 25.57 7.03 6.33
CA LEU B 59 26.19 5.75 6.61
C LEU B 59 27.02 5.32 5.41
N GLU B 60 28.23 4.88 5.66
CA GLU B 60 29.12 4.47 4.58
C GLU B 60 28.93 3.00 4.31
N ASP B 61 29.19 2.58 3.09
CA ASP B 61 28.98 1.18 2.76
C ASP B 61 30.16 0.35 3.30
N ASP B 62 29.83 -0.79 3.93
CA ASP B 62 30.80 -1.77 4.44
C ASP B 62 31.30 -2.89 3.55
N GLU B 66 26.89 -4.07 0.77
CA GLU B 66 26.18 -4.83 -0.29
C GLU B 66 24.67 -4.72 -0.06
N CYS B 67 24.11 -5.57 0.79
CA CYS B 67 22.65 -5.58 1.09
C CYS B 67 22.31 -4.50 2.13
N ARG B 68 23.28 -4.10 2.96
CA ARG B 68 22.98 -3.08 3.99
C ARG B 68 24.26 -2.37 4.46
N ALA B 69 24.10 -1.16 5.00
CA ALA B 69 25.20 -0.33 5.53
C ALA B 69 24.88 -0.04 7.01
N ARG B 70 25.84 -0.22 7.91
CA ARG B 70 25.53 0.01 9.34
C ARG B 70 26.70 0.65 10.10
N SER B 71 26.36 1.21 11.26
CA SER B 71 27.29 1.84 12.19
C SER B 71 26.95 1.38 13.60
N TYR B 72 27.97 1.32 14.45
CA TYR B 72 27.81 0.78 15.80
C TYR B 72 28.60 1.60 16.81
N SER B 73 27.98 1.82 17.97
CA SER B 73 28.62 2.42 19.13
C SER B 73 27.93 1.85 20.36
N ARG B 74 28.59 1.95 21.50
CA ARG B 74 28.05 1.36 22.71
C ARG B 74 28.28 2.27 23.90
N TYR B 75 27.36 2.17 24.85
CA TYR B 75 27.46 2.83 26.15
C TYR B 75 27.71 1.77 27.22
N ILE B 76 28.34 2.20 28.31
CA ILE B 76 28.52 1.36 29.48
C ILE B 76 27.69 1.97 30.60
N LYS B 77 26.91 1.14 31.26
CA LYS B 77 26.09 1.56 32.39
C LYS B 77 26.64 0.86 33.63
N TYR B 78 27.45 1.58 34.39
CA TYR B 78 28.06 1.04 35.60
C TYR B 78 27.00 0.93 36.70
N VAL B 79 27.23 -0.03 37.61
CA VAL B 79 26.14 -0.63 38.39
C VAL B 79 25.29 0.40 39.13
N ASP B 80 25.91 1.38 39.79
CA ASP B 80 25.15 2.36 40.55
C ASP B 80 25.08 3.73 39.89
N SER B 81 25.73 3.89 38.75
CA SER B 81 25.78 5.19 38.11
C SER B 81 24.52 5.40 37.28
N PRO B 82 23.84 6.55 37.42
CA PRO B 82 22.69 6.86 36.58
C PRO B 82 23.05 7.25 35.15
N ASP B 83 24.33 7.26 34.80
CA ASP B 83 24.78 7.88 33.57
C ASP B 83 25.23 6.84 32.57
N TYR B 84 25.32 7.27 31.32
CA TYR B 84 25.69 6.40 30.21
C TYR B 84 27.04 6.86 29.68
N ILE B 85 27.99 5.93 29.60
CA ILE B 85 29.35 6.28 29.24
C ILE B 85 29.61 5.70 27.87
N LEU B 86 29.92 6.58 26.92
CA LEU B 86 30.17 6.15 25.55
C LEU B 86 31.55 5.53 25.49
N ASP B 87 31.60 4.23 25.21
CA ASP B 87 32.88 3.55 25.12
C ASP B 87 33.63 4.10 23.92
N ASN B 88 34.93 4.29 24.10
CA ASN B 88 35.82 4.77 23.00
C ASN B 88 36.07 3.61 22.04
N SER B 89 35.79 2.39 22.50
CA SER B 89 35.94 1.16 21.68
C SER B 89 34.58 0.79 21.09
N ASN B 90 34.57 0.34 19.83
CA ASN B 90 33.30 -0.05 19.17
C ASN B 90 33.47 -1.41 18.50
N ASP B 91 34.31 -2.28 19.08
CA ASP B 91 34.52 -3.63 18.49
C ASP B 91 33.30 -4.51 18.80
N TYR B 92 32.74 -5.13 17.77
CA TYR B 92 31.59 -6.06 17.87
C TYR B 92 32.07 -7.41 17.36
N PHE B 93 31.70 -8.51 18.01
CA PHE B 93 32.27 -9.81 17.58
C PHE B 93 31.21 -10.82 17.10
N GLN B 94 30.09 -10.93 17.83
CA GLN B 94 28.91 -11.84 17.60
C GLN B 94 29.17 -13.26 18.11
N SER B 95 28.12 -13.91 18.59
CA SER B 95 28.20 -15.32 19.09
C SER B 95 28.63 -16.24 17.95
N LYS B 96 28.26 -15.89 16.71
CA LYS B 96 28.62 -16.68 15.50
C LYS B 96 28.32 -18.17 15.73
N GLY B 103 43.47 -10.73 5.48
CA GLY B 103 43.05 -9.73 6.48
C GLY B 103 41.54 -9.63 6.58
N GLY B 104 41.04 -8.69 7.40
CA GLY B 104 39.59 -8.49 7.57
C GLY B 104 38.98 -9.60 8.42
N LYS B 105 39.43 -9.72 9.66
CA LYS B 105 38.93 -10.77 10.60
C LYS B 105 37.92 -10.13 11.55
N VAL B 106 38.31 -9.01 12.17
CA VAL B 106 37.47 -8.29 13.15
C VAL B 106 36.14 -7.85 12.53
N ARG B 107 36.15 -7.42 11.26
CA ARG B 107 34.97 -6.89 10.54
C ARG B 107 34.42 -5.72 11.38
N GLN B 108 35.31 -4.80 11.76
CA GLN B 108 34.95 -3.63 12.60
C GLN B 108 34.02 -2.69 11.82
N PHE B 109 33.11 -2.02 12.52
CA PHE B 109 32.15 -1.08 11.88
C PHE B 109 32.50 0.36 12.28
N ASN B 110 32.01 1.33 11.51
CA ASN B 110 32.26 2.77 11.80
C ASN B 110 31.44 3.16 13.04
N SER B 111 31.92 4.15 13.79
CA SER B 111 31.15 4.58 14.95
C SER B 111 29.97 5.43 14.49
N ILE B 112 28.96 5.50 15.34
CA ILE B 112 27.80 6.33 15.04
C ILE B 112 28.22 7.78 15.14
N ASN B 113 27.73 8.60 14.20
CA ASN B 113 28.08 10.01 14.20
C ASN B 113 27.70 10.65 15.53
N ASP B 114 28.55 11.55 16.00
CA ASP B 114 28.25 12.24 17.25
C ASP B 114 26.92 12.97 17.17
N SER B 115 26.63 13.64 16.04
CA SER B 115 25.39 14.38 15.95
C SER B 115 24.17 13.50 16.16
N PHE B 116 24.29 12.21 15.82
CA PHE B 116 23.19 11.28 16.06
C PHE B 116 23.08 10.89 17.54
N LEU B 117 24.21 10.65 18.20
CA LEU B 117 24.17 10.19 19.59
C LEU B 117 23.79 11.31 20.55
N CYS B 118 24.10 12.56 20.20
CA CYS B 118 23.78 13.71 21.01
C CYS B 118 22.37 14.23 20.79
N ASN B 119 21.68 13.72 19.78
CA ASN B 119 20.29 14.04 19.53
C ASN B 119 19.44 13.70 20.77
N PRO B 120 18.80 14.69 21.39
CA PRO B 120 17.98 14.42 22.58
C PRO B 120 16.93 13.34 22.38
N LEU B 121 16.39 13.18 21.16
CA LEU B 121 15.40 12.14 20.94
C LEU B 121 16.02 10.75 21.04
N ILE B 122 17.21 10.57 20.42
CA ILE B 122 17.92 9.31 20.54
C ILE B 122 18.28 9.01 21.98
N GLN B 123 18.75 10.03 22.71
CA GLN B 123 19.09 9.84 24.11
C GLN B 123 17.86 9.49 24.95
N ASN B 124 16.71 10.09 24.63
CA ASN B 124 15.50 9.76 25.36
C ASN B 124 15.01 8.34 25.04
N ILE B 125 15.22 7.88 23.80
CA ILE B 125 14.81 6.53 23.42
C ILE B 125 15.59 5.49 24.22
N VAL B 126 16.91 5.63 24.29
CA VAL B 126 17.74 4.64 24.99
C VAL B 126 17.39 4.60 26.48
N ARG B 127 16.97 5.73 27.05
CA ARG B 127 16.61 5.82 28.48
C ARG B 127 15.36 4.97 28.67
N PHE B 128 14.41 5.10 27.75
CA PHE B 128 13.16 4.30 27.81
C PHE B 128 13.56 2.82 27.69
N ASP B 129 14.41 2.52 26.72
CA ASP B 129 14.88 1.13 26.48
C ASP B 129 15.62 0.61 27.71
N THR B 130 16.50 1.44 28.29
CA THR B 130 17.29 1.06 29.49
C THR B 130 16.38 0.88 30.70
N GLU B 131 15.50 1.86 30.96
CA GLU B 131 14.57 1.78 32.11
C GLU B 131 13.67 0.55 31.95
N PHE B 132 13.18 0.30 30.73
CA PHE B 132 12.33 -0.89 30.49
C PHE B 132 13.16 -2.15 30.70
N ALA B 133 14.40 -2.16 30.19
CA ALA B 133 15.22 -3.35 30.36
C ALA B 133 15.44 -3.67 31.83
N PHE B 134 15.72 -2.64 32.63
CA PHE B 134 15.94 -2.85 34.06
C PHE B 134 14.70 -3.37 34.79
N LYS B 135 13.50 -3.15 34.26
CA LYS B 135 12.32 -3.68 34.94
C LYS B 135 11.99 -5.10 34.53
N THR B 136 12.78 -5.72 33.66
CA THR B 136 12.55 -7.13 33.39
C THR B 136 13.36 -7.97 34.37
N ASN B 137 12.89 -9.19 34.60
CA ASN B 137 13.69 -10.18 35.30
C ASN B 137 14.81 -10.71 34.43
N ILE B 138 14.80 -10.34 33.15
CA ILE B 138 15.85 -10.74 32.24
C ILE B 138 17.15 -10.01 32.56
N ILE B 139 17.06 -8.70 32.79
CA ILE B 139 18.27 -7.88 33.07
C ILE B 139 18.29 -7.50 34.55
N ASP B 140 19.40 -7.78 35.24
CA ASP B 140 19.56 -7.41 36.67
C ASP B 140 20.28 -6.06 36.74
N LYS B 141 19.92 -5.23 37.74
CA LYS B 141 20.51 -3.88 37.90
C LYS B 141 21.78 -3.94 38.76
N SER B 142 22.17 -5.14 39.20
CA SER B 142 23.39 -5.31 40.03
C SER B 142 24.55 -5.83 39.18
N LYS B 143 24.54 -5.52 37.88
CA LYS B 143 25.61 -5.99 36.97
C LYS B 143 25.91 -4.91 35.92
N ASP B 144 27.18 -4.81 35.49
CA ASP B 144 27.59 -3.85 34.47
C ASP B 144 27.02 -4.24 33.11
N LEU B 145 26.22 -3.36 32.53
CA LEU B 145 25.54 -3.62 31.27
C LEU B 145 26.17 -2.86 30.10
N ILE B 146 26.27 -3.54 28.96
CA ILE B 146 26.64 -2.93 27.69
C ILE B 146 25.36 -2.60 26.92
N ILE B 147 25.20 -1.32 26.55
CA ILE B 147 24.02 -0.86 25.76
C ILE B 147 24.48 -0.67 24.32
N GLY B 148 24.20 -1.66 23.46
CA GLY B 148 24.61 -1.59 22.04
C GLY B 148 23.64 -0.79 21.19
N LEU B 149 24.18 0.08 20.33
CA LEU B 149 23.35 0.90 19.41
C LEU B 149 23.72 0.51 17.98
N HIS B 150 22.78 -0.08 17.24
CA HIS B 150 23.06 -0.50 15.85
C HIS B 150 22.26 0.36 14.86
N GLN B 151 22.98 1.19 14.11
CA GLN B 151 22.37 2.05 13.06
C GLN B 151 22.45 1.25 11.75
N VAL B 152 21.31 0.78 11.24
CA VAL B 152 21.33 -0.05 10.00
C VAL B 152 20.43 0.56 8.93
N ARG B 153 20.93 0.64 7.71
CA ARG B 153 20.13 1.13 6.56
C ARG B 153 20.12 0.01 5.52
N TYR B 154 18.99 -0.69 5.39
CA TYR B 154 18.87 -1.79 4.41
C TYR B 154 18.65 -1.17 3.02
N LYS B 155 19.48 -1.56 2.05
CA LYS B 155 19.37 -1.01 0.68
C LYS B 155 18.81 -2.08 -0.25
N ALA B 156 17.66 -1.79 -0.87
CA ALA B 156 17.04 -2.77 -1.79
C ALA B 156 16.99 -2.18 -3.20
N THR B 157 17.23 -3.02 -4.19
CA THR B 157 17.21 -2.60 -5.62
C THR B 157 16.43 -3.66 -6.41
N LYS B 158 15.91 -3.31 -7.58
CA LYS B 158 15.12 -4.26 -8.39
C LYS B 158 15.93 -5.55 -8.63
N GLU B 159 17.20 -5.43 -9.00
CA GLU B 159 18.05 -6.62 -9.30
C GLU B 159 18.78 -7.10 -8.03
N ARG B 160 18.68 -6.38 -6.92
CA ARG B 160 19.42 -6.80 -5.70
C ARG B 160 18.59 -6.57 -4.42
N PRO B 161 17.76 -7.54 -3.98
CA PRO B 161 17.00 -7.39 -2.74
C PRO B 161 17.95 -7.51 -1.54
N SER B 162 17.59 -6.90 -0.41
CA SER B 162 18.46 -6.91 0.79
C SER B 162 18.06 -8.03 1.76
N PHE B 163 19.03 -8.80 2.26
CA PHE B 163 18.75 -9.85 3.22
C PHE B 163 19.76 -9.93 4.33
N SER B 164 19.38 -10.52 5.47
CA SER B 164 20.30 -10.53 6.64
C SER B 164 21.05 -11.86 6.77
N SER B 165 21.90 -11.95 7.80
CA SER B 165 22.68 -13.17 8.12
C SER B 165 22.61 -13.39 9.64
N PRO B 166 21.68 -14.22 10.20
CA PRO B 166 20.96 -15.27 9.46
C PRO B 166 19.76 -14.76 8.64
N ILE B 167 19.48 -15.44 7.53
CA ILE B 167 18.42 -15.06 6.56
C ILE B 167 17.01 -15.43 7.06
N TRP B 168 16.90 -16.52 7.83
CA TRP B 168 15.59 -17.00 8.34
C TRP B 168 15.53 -16.73 9.85
N LEU B 169 14.66 -17.44 10.58
CA LEU B 169 14.41 -17.36 12.02
C LEU B 169 15.70 -17.56 12.82
N HIS B 170 15.81 -16.83 13.92
CA HIS B 170 17.04 -16.79 14.70
C HIS B 170 16.78 -16.11 16.04
N LYS B 171 17.79 -16.14 16.90
CA LYS B 171 17.83 -15.36 18.12
C LYS B 171 19.09 -14.49 18.11
N ASP B 172 18.95 -13.28 18.65
CA ASP B 172 20.09 -12.34 18.72
C ASP B 172 20.94 -12.69 19.94
N ASP B 173 22.23 -12.34 19.90
CA ASP B 173 23.13 -12.66 21.01
C ASP B 173 22.68 -12.03 22.31
N GLU B 174 22.08 -10.85 22.23
CA GLU B 174 21.77 -10.08 23.42
C GLU B 174 20.41 -10.50 23.98
N PRO B 175 20.31 -10.66 25.29
CA PRO B 175 19.06 -11.16 25.89
C PRO B 175 17.86 -10.25 25.67
N VAL B 176 18.06 -8.94 25.49
CA VAL B 176 16.96 -8.02 25.21
C VAL B 176 17.40 -7.07 24.10
N VAL B 177 16.60 -6.98 23.04
CA VAL B 177 16.90 -6.17 21.86
C VAL B 177 15.68 -5.31 21.52
N PHE B 178 15.92 -4.02 21.30
CA PHE B 178 14.89 -3.09 20.86
C PHE B 178 15.08 -2.77 19.38
N LEU B 179 14.04 -2.98 18.58
CA LEU B 179 14.04 -2.62 17.16
C LEU B 179 13.16 -1.38 16.99
N HIS B 180 13.77 -0.26 16.62
CA HIS B 180 13.06 0.98 16.34
C HIS B 180 13.16 1.27 14.84
N LEU B 181 12.01 1.32 14.18
CA LEU B 181 11.98 1.80 12.80
C LEU B 181 12.26 3.30 12.76
N MET B 182 13.19 3.72 11.91
CA MET B 182 13.48 5.13 11.71
C MET B 182 12.88 5.69 10.44
N ASN B 183 12.85 4.92 9.36
CA ASN B 183 12.37 5.42 8.07
C ASN B 183 12.19 4.24 7.12
N LEU B 184 11.26 4.42 6.18
CA LEU B 184 10.96 3.39 5.20
C LEU B 184 10.53 4.05 3.90
N SER B 185 11.27 3.78 2.83
CA SER B 185 10.90 4.31 1.52
C SER B 185 9.53 3.79 1.09
N ASN B 186 8.80 4.62 0.33
CA ASN B 186 7.50 4.20 -0.17
C ASN B 186 7.61 3.13 -1.25
N THR B 187 8.80 2.98 -1.84
CA THR B 187 9.04 1.96 -2.85
C THR B 187 9.46 0.63 -2.26
N ALA B 188 9.62 0.56 -0.94
CA ALA B 188 10.09 -0.67 -0.31
C ALA B 188 8.97 -1.67 -0.12
N ILE B 189 9.30 -2.94 -0.30
CA ILE B 189 8.40 -4.05 -0.02
C ILE B 189 9.13 -5.01 0.90
N GLY B 190 8.39 -5.67 1.77
CA GLY B 190 9.01 -6.58 2.70
C GLY B 190 9.50 -5.88 3.95
N GLY B 191 10.48 -6.52 4.58
CA GLY B 191 10.98 -6.04 5.86
C GLY B 191 9.98 -6.25 6.98
N ASP B 192 9.12 -7.25 6.86
CA ASP B 192 8.17 -7.57 7.91
C ASP B 192 8.83 -8.46 8.95
N ASN B 193 8.39 -8.30 10.20
CA ASN B 193 8.95 -9.04 11.33
C ASN B 193 8.09 -10.25 11.67
N LEU B 194 8.73 -11.38 11.87
CA LEU B 194 8.06 -12.64 12.19
C LEU B 194 8.44 -13.10 13.59
N ILE B 195 7.47 -13.66 14.30
CA ILE B 195 7.68 -14.27 15.60
C ILE B 195 7.30 -15.74 15.51
N ALA B 196 8.19 -16.62 15.98
CA ALA B 196 7.93 -18.05 15.97
C ALA B 196 8.39 -18.63 17.30
N ASN B 197 7.49 -19.35 17.98
CA ASN B 197 7.85 -20.04 19.25
C ASN B 197 8.84 -21.14 18.90
N SER B 198 8.70 -21.68 17.68
CA SER B 198 9.58 -22.74 17.12
C SER B 198 9.61 -22.56 15.60
N PRO B 199 10.60 -23.12 14.86
CA PRO B 199 10.69 -22.94 13.41
C PRO B 199 9.67 -23.69 12.54
N ARG B 200 8.81 -24.50 13.17
CA ARG B 200 7.81 -25.31 12.43
C ARG B 200 6.59 -24.46 12.05
N GLU B 201 6.43 -23.28 12.67
CA GLU B 201 5.25 -22.44 12.35
C GLU B 201 5.47 -20.99 12.79
N ILE B 202 4.84 -20.05 12.08
CA ILE B 202 4.91 -18.60 12.41
C ILE B 202 3.74 -18.30 13.36
N ASN B 203 3.99 -17.54 14.42
CA ASN B 203 2.92 -17.27 15.42
C ASN B 203 2.50 -15.80 15.38
N GLN B 204 3.33 -14.92 14.85
CA GLN B 204 2.99 -13.50 14.83
C GLN B 204 3.65 -12.83 13.65
N PHE B 205 2.94 -11.87 13.05
CA PHE B 205 3.40 -11.14 11.88
C PHE B 205 3.22 -9.68 12.23
N ILE B 206 4.33 -8.95 12.32
CA ILE B 206 4.32 -7.55 12.72
C ILE B 206 5.00 -6.76 11.60
N SER B 207 4.32 -5.74 11.12
CA SER B 207 4.82 -4.89 10.04
C SER B 207 4.96 -3.47 10.55
N LEU B 208 6.20 -3.04 10.75
CA LEU B 208 6.49 -1.67 11.15
C LEU B 208 6.44 -0.76 9.92
N LYS B 209 5.66 0.29 10.02
CA LYS B 209 5.26 1.29 9.04
C LYS B 209 5.51 2.74 9.47
N GLU B 210 5.32 3.06 10.72
CA GLU B 210 5.54 4.47 10.98
C GLU B 210 6.84 4.67 11.75
N PRO B 211 7.57 5.76 11.53
CA PRO B 211 8.81 5.99 12.29
C PRO B 211 8.56 5.84 13.79
N LEU B 212 9.49 5.17 14.46
CA LEU B 212 9.54 4.96 15.91
C LEU B 212 8.57 3.90 16.39
N GLU B 213 7.90 3.17 15.51
CA GLU B 213 7.22 1.96 15.94
C GLU B 213 8.27 0.97 16.41
N THR B 214 7.98 0.26 17.49
CA THR B 214 9.00 -0.47 18.22
C THR B 214 8.57 -1.90 18.49
N LEU B 215 9.51 -2.82 18.38
CA LEU B 215 9.30 -4.23 18.69
C LEU B 215 10.48 -4.67 19.54
N VAL B 216 10.20 -5.25 20.71
CA VAL B 216 11.21 -5.67 21.67
C VAL B 216 11.30 -7.19 21.61
N PHE B 217 12.52 -7.71 21.52
CA PHE B 217 12.76 -9.13 21.41
C PHE B 217 13.44 -9.69 22.66
N GLY B 218 12.93 -10.83 23.12
CA GLY B 218 13.66 -11.70 24.01
C GLY B 218 14.04 -12.97 23.25
N GLN B 219 14.76 -13.84 23.94
CA GLN B 219 15.23 -15.08 23.36
C GLN B 219 14.32 -16.27 23.64
N LYS B 220 13.14 -16.02 24.21
CA LYS B 220 12.17 -17.08 24.43
C LYS B 220 11.57 -17.57 23.12
N VAL B 221 11.62 -16.77 22.06
CA VAL B 221 11.11 -17.14 20.75
C VAL B 221 12.15 -16.77 19.70
N PHE B 222 12.00 -17.37 18.53
CA PHE B 222 12.78 -16.97 17.38
C PHE B 222 12.08 -15.80 16.70
N HIS B 223 12.85 -15.00 15.98
CA HIS B 223 12.29 -13.94 15.18
C HIS B 223 13.04 -13.88 13.86
N ALA B 224 12.49 -13.11 12.92
CA ALA B 224 13.11 -12.94 11.62
C ALA B 224 12.63 -11.64 11.02
N VAL B 225 13.34 -11.20 9.98
CA VAL B 225 12.92 -10.07 9.15
C VAL B 225 12.83 -10.55 7.71
N THR B 226 11.66 -10.36 7.11
CA THR B 226 11.47 -10.71 5.71
C THR B 226 12.41 -9.87 4.84
N PRO B 227 12.89 -10.41 3.72
CA PRO B 227 13.77 -9.62 2.84
C PRO B 227 13.09 -8.34 2.35
N LEU B 228 13.91 -7.37 2.01
CA LEU B 228 13.45 -6.08 1.49
C LEU B 228 13.65 -6.05 -0.03
N GLY B 229 12.58 -5.69 -0.75
CA GLY B 229 12.61 -5.64 -2.20
C GLY B 229 12.02 -4.34 -2.72
N THR B 230 12.08 -4.21 -4.05
CA THR B 230 11.39 -3.13 -4.74
C THR B 230 11.12 -3.53 -6.18
N GLU B 231 9.93 -3.20 -6.67
CA GLU B 231 9.62 -3.20 -8.10
C GLU B 231 9.58 -1.79 -8.69
N CYS B 232 10.62 -1.02 -8.39
CA CYS B 232 10.75 0.33 -8.91
C CYS B 232 12.16 0.50 -9.44
N SER B 233 12.37 1.53 -10.27
CA SER B 233 13.68 1.75 -10.85
C SER B 233 14.62 2.47 -9.88
N THR B 234 14.08 2.92 -8.75
CA THR B 234 14.90 3.67 -7.76
C THR B 234 15.31 2.74 -6.61
N GLU B 235 16.22 3.21 -5.75
CA GLU B 235 16.70 2.40 -4.60
C GLU B 235 15.73 2.54 -3.42
N ALA B 236 15.33 1.42 -2.83
CA ALA B 236 14.42 1.41 -1.66
C ALA B 236 15.27 1.26 -0.40
N PHE B 237 14.90 1.95 0.69
CA PHE B 237 15.69 1.84 1.94
C PHE B 237 14.77 1.58 3.13
N ARG B 238 15.34 1.00 4.19
CA ARG B 238 14.64 0.74 5.47
C ARG B 238 15.62 1.07 6.59
N ASP B 239 15.47 2.26 7.19
CA ASP B 239 16.38 2.69 8.28
C ASP B 239 15.86 2.20 9.62
N ILE B 240 16.69 1.49 10.38
CA ILE B 240 16.27 0.98 11.71
C ILE B 240 17.37 1.26 12.73
N LEU B 241 16.98 1.35 14.00
CA LEU B 241 17.91 1.52 15.11
C LEU B 241 17.72 0.36 16.08
N LEU B 242 18.82 -0.32 16.39
CA LEU B 242 18.82 -1.40 17.37
C LEU B 242 19.44 -0.92 18.66
N VAL B 243 18.77 -1.18 19.78
CA VAL B 243 19.29 -0.91 21.11
C VAL B 243 19.32 -2.24 21.85
N THR B 244 20.51 -2.78 22.04
CA THR B 244 20.68 -4.11 22.69
C THR B 244 21.22 -3.95 24.11
N PHE B 245 20.88 -4.90 24.98
CA PHE B 245 21.33 -4.89 26.40
C PHE B 245 22.03 -6.22 26.71
N SER B 246 23.31 -6.15 27.06
CA SER B 246 24.10 -7.36 27.40
C SER B 246 25.06 -7.02 28.55
N TYR B 247 25.59 -8.04 29.21
CA TYR B 247 26.51 -7.84 30.37
C TYR B 247 27.95 -7.67 29.87
N LYS B 248 28.74 -6.87 30.59
CA LYS B 248 30.16 -6.60 30.24
C LYS B 248 31.05 -7.72 30.77
N GLU B 249 31.86 -8.32 29.90
CA GLU B 249 32.77 -9.44 30.28
C GLU B 249 32.00 -10.50 31.06
N GLU C 10 -21.00 -11.56 36.04
CA GLU C 10 -19.75 -10.96 36.49
C GLU C 10 -19.79 -9.45 36.38
N PHE C 11 -18.77 -8.77 36.90
CA PHE C 11 -18.68 -7.32 36.89
C PHE C 11 -17.72 -6.90 35.80
N MET C 12 -18.23 -6.26 34.76
CA MET C 12 -17.39 -5.89 33.63
C MET C 12 -17.38 -4.38 33.44
N LYS C 13 -16.35 -3.92 32.74
CA LYS C 13 -16.18 -2.47 32.49
C LYS C 13 -16.69 -2.13 31.08
N MET C 14 -17.24 -0.93 30.93
CA MET C 14 -17.71 -0.40 29.66
C MET C 14 -16.51 0.29 29.02
N SER C 15 -16.13 -0.15 27.83
CA SER C 15 -14.93 0.41 27.22
C SER C 15 -15.25 1.40 26.11
N GLY C 16 -14.37 1.57 25.14
CA GLY C 16 -14.57 2.50 24.01
C GLY C 16 -14.91 3.90 24.48
N PHE C 17 -15.85 4.55 23.78
CA PHE C 17 -16.29 5.91 24.13
C PHE C 17 -17.81 5.92 24.28
N SER C 18 -18.34 6.82 25.11
CA SER C 18 -19.81 6.90 25.32
C SER C 18 -20.48 7.36 24.03
N ILE C 19 -21.69 6.86 23.76
CA ILE C 19 -22.43 7.26 22.53
C ILE C 19 -22.89 8.71 22.68
N GLU C 20 -23.19 9.13 23.91
CA GLU C 20 -23.61 10.53 24.19
C GLU C 20 -22.39 11.44 24.01
N GLU C 21 -21.20 10.94 24.35
CA GLU C 21 -19.95 11.72 24.19
C GLU C 21 -19.63 11.82 22.69
N LYS C 22 -19.78 10.70 21.98
CA LYS C 22 -19.53 10.65 20.51
C LYS C 22 -20.51 11.59 19.81
N VAL C 23 -21.76 11.61 20.26
CA VAL C 23 -22.82 12.48 19.65
C VAL C 23 -22.44 13.95 19.86
N HIS C 24 -21.87 14.28 21.03
CA HIS C 24 -21.46 15.67 21.32
C HIS C 24 -20.36 16.09 20.35
N GLU C 25 -19.38 15.22 20.10
CA GLU C 25 -18.30 15.55 19.17
C GLU C 25 -18.84 15.75 17.76
N PHE C 26 -19.72 14.85 17.32
CA PHE C 26 -20.31 14.98 15.99
C PHE C 26 -21.06 16.30 15.84
N GLU C 27 -21.80 16.69 16.87
CA GLU C 27 -22.59 17.91 16.80
C GLU C 27 -21.73 19.17 16.74
N SER C 28 -20.60 19.20 17.45
CA SER C 28 -19.75 20.37 17.42
C SER C 28 -18.87 20.40 16.17
N LYS C 29 -18.47 19.23 15.67
CA LYS C 29 -17.59 19.16 14.52
C LYS C 29 -18.32 19.01 13.19
N GLY C 30 -19.50 18.40 13.18
CA GLY C 30 -20.22 18.18 11.94
C GLY C 30 -19.90 16.86 11.26
N PHE C 31 -18.94 16.13 11.81
CA PHE C 31 -18.53 14.82 11.26
C PHE C 31 -17.94 13.98 12.39
N LEU C 32 -17.83 12.67 12.18
CA LEU C 32 -17.30 11.79 13.25
C LEU C 32 -16.83 10.48 12.64
N GLU C 33 -15.55 10.13 12.86
CA GLU C 33 -15.01 8.84 12.36
C GLU C 33 -15.27 7.79 13.45
N ILE C 34 -15.76 6.61 13.05
CA ILE C 34 -16.05 5.54 14.04
C ILE C 34 -15.26 4.29 13.63
N SER C 35 -14.64 3.63 14.60
CA SER C 35 -13.85 2.39 14.34
C SER C 35 -14.82 1.22 14.14
N ASN C 36 -14.33 0.14 13.52
CA ASN C 36 -15.18 -1.06 13.24
C ASN C 36 -15.30 -1.97 14.46
N GLU C 37 -14.54 -1.68 15.53
CA GLU C 37 -14.54 -2.50 16.75
C GLU C 37 -15.96 -2.69 17.30
N ILE C 38 -16.77 -1.63 17.25
CA ILE C 38 -18.17 -1.70 17.80
C ILE C 38 -19.00 -2.68 16.99
N PHE C 39 -18.61 -2.94 15.73
CA PHE C 39 -19.39 -3.88 14.88
C PHE C 39 -18.68 -5.23 14.79
N LEU C 40 -17.58 -5.40 15.52
CA LEU C 40 -16.83 -6.68 15.49
C LEU C 40 -16.55 -7.15 16.92
N GLN C 41 -17.61 -7.32 17.73
CA GLN C 41 -17.46 -7.79 19.13
C GLN C 41 -17.82 -9.27 19.20
N GLU C 42 -18.40 -9.81 18.13
CA GLU C 42 -18.78 -11.25 18.07
C GLU C 42 -17.94 -11.93 16.98
N GLU C 43 -17.58 -13.19 17.18
CA GLU C 43 -16.75 -13.92 16.17
C GLU C 43 -17.61 -14.25 14.94
N GLU C 44 -18.92 -14.40 15.13
CA GLU C 44 -19.85 -14.72 14.01
C GLU C 44 -19.95 -13.51 13.08
N ASN C 45 -19.66 -12.31 13.60
CA ASN C 45 -19.72 -11.06 12.80
C ASN C 45 -18.82 -11.18 11.57
N HIS C 46 -17.66 -11.83 11.71
CA HIS C 46 -16.72 -12.05 10.57
C HIS C 46 -17.43 -12.85 9.48
N SER C 47 -18.21 -13.86 9.86
CA SER C 47 -18.97 -14.69 8.88
C SER C 47 -20.09 -13.86 8.26
N LEU C 48 -20.76 -13.01 9.06
CA LEU C 48 -21.85 -12.20 8.55
C LEU C 48 -21.31 -11.15 7.60
N LEU C 49 -20.13 -10.60 7.90
CA LEU C 49 -19.49 -9.65 7.00
C LEU C 49 -19.21 -10.26 5.63
N THR C 50 -18.71 -11.51 5.59
CA THR C 50 -18.41 -12.15 4.31
C THR C 50 -19.67 -12.29 3.46
N GLN C 51 -20.79 -12.66 4.08
CA GLN C 51 -22.04 -12.79 3.32
C GLN C 51 -22.51 -11.44 2.80
N ALA C 52 -22.42 -10.40 3.64
CA ALA C 52 -22.78 -9.05 3.20
C ALA C 52 -21.87 -8.57 2.09
N GLN C 53 -20.57 -8.87 2.19
CA GLN C 53 -19.63 -8.42 1.17
C GLN C 53 -19.91 -9.09 -0.16
N LEU C 54 -20.28 -10.37 -0.12
CA LEU C 54 -20.52 -11.11 -1.35
C LEU C 54 -21.78 -10.66 -2.07
N ASP C 55 -22.71 -10.02 -1.36
CA ASP C 55 -23.93 -9.53 -1.99
C ASP C 55 -23.66 -8.39 -2.96
N TYR C 56 -22.54 -7.68 -2.82
CA TYR C 56 -22.25 -6.58 -3.73
C TYR C 56 -21.92 -7.06 -5.14
N TYR C 57 -21.66 -8.35 -5.32
CA TYR C 57 -21.48 -8.93 -6.64
C TYR C 57 -22.80 -9.22 -7.35
N ASN C 58 -23.94 -8.93 -6.72
CA ASN C 58 -25.25 -9.14 -7.34
C ASN C 58 -25.90 -7.84 -7.82
N LEU C 59 -25.32 -6.68 -7.48
CA LEU C 59 -25.86 -5.40 -7.91
C LEU C 59 -25.79 -5.25 -9.43
N GLU C 60 -26.83 -4.66 -10.02
CA GLU C 60 -26.90 -4.46 -11.46
C GLU C 60 -26.30 -3.13 -11.87
N ASP C 61 -25.82 -3.08 -13.12
CA ASP C 61 -25.14 -1.89 -13.61
C ASP C 61 -26.14 -0.79 -13.91
N ASP C 62 -25.70 0.45 -13.69
CA ASP C 62 -26.53 1.65 -13.78
C ASP C 62 -26.77 2.04 -15.24
N ALA C 63 -27.77 2.90 -15.43
CA ALA C 63 -28.25 3.25 -16.78
C ALA C 63 -28.68 4.71 -16.83
N CYS C 67 -21.45 5.70 -13.36
CA CYS C 67 -20.04 5.33 -13.06
C CYS C 67 -20.01 4.27 -11.95
N ARG C 68 -21.18 3.69 -11.60
CA ARG C 68 -21.24 2.69 -10.52
C ARG C 68 -22.58 1.94 -10.52
N ALA C 69 -22.76 1.02 -9.58
CA ALA C 69 -23.99 0.21 -9.42
C ALA C 69 -24.54 0.42 -8.01
N ARG C 70 -25.86 0.36 -7.83
CA ARG C 70 -26.42 0.60 -6.47
C ARG C 70 -27.83 0.02 -6.32
N SER C 71 -28.27 -0.12 -5.06
CA SER C 71 -29.58 -0.59 -4.64
C SER C 71 -30.02 0.26 -3.48
N TYR C 72 -31.34 0.42 -3.34
CA TYR C 72 -31.87 1.31 -2.32
C TYR C 72 -33.10 0.69 -1.69
N SER C 73 -33.19 0.82 -0.36
CA SER C 73 -34.38 0.47 0.40
C SER C 73 -34.43 1.36 1.62
N ARG C 74 -35.62 1.54 2.17
CA ARG C 74 -35.81 2.46 3.27
C ARG C 74 -36.83 1.91 4.25
N TYR C 75 -36.69 2.33 5.51
CA TYR C 75 -37.66 2.05 6.56
C TYR C 75 -38.39 3.33 6.92
N ILE C 76 -39.61 3.19 7.40
CA ILE C 76 -40.41 4.30 7.89
C ILE C 76 -40.60 4.14 9.39
N LYS C 77 -40.31 5.20 10.14
CA LYS C 77 -40.54 5.23 11.58
C LYS C 77 -41.56 6.31 11.86
N TYR C 78 -42.81 5.93 12.06
CA TYR C 78 -43.84 6.90 12.38
C TYR C 78 -43.70 7.35 13.84
N VAL C 79 -44.00 8.62 14.07
CA VAL C 79 -43.75 9.22 15.38
C VAL C 79 -44.56 8.52 16.45
N ASP C 80 -45.81 8.18 16.14
CA ASP C 80 -46.75 7.57 17.07
C ASP C 80 -46.73 6.05 17.05
N SER C 81 -45.59 5.42 16.71
CA SER C 81 -45.53 3.97 16.64
C SER C 81 -44.09 3.56 16.91
N PRO C 82 -43.85 2.60 17.80
CA PRO C 82 -42.48 2.11 18.01
C PRO C 82 -41.95 1.27 16.86
N ASP C 83 -42.75 1.00 15.83
CA ASP C 83 -42.34 0.03 14.84
C ASP C 83 -41.60 0.70 13.69
N TYR C 84 -40.77 -0.10 13.01
CA TYR C 84 -40.08 0.30 11.81
C TYR C 84 -40.52 -0.67 10.73
N ILE C 85 -41.05 -0.14 9.63
CA ILE C 85 -41.56 -1.04 8.55
C ILE C 85 -40.76 -0.81 7.27
N LEU C 86 -40.48 -1.89 6.54
CA LEU C 86 -39.75 -1.81 5.26
C LEU C 86 -40.71 -1.26 4.20
N ASP C 87 -40.43 -0.06 3.68
CA ASP C 87 -41.30 0.56 2.65
C ASP C 87 -41.29 -0.31 1.39
N ASN C 88 -42.45 -0.48 0.76
CA ASN C 88 -42.53 -1.30 -0.48
C ASN C 88 -42.14 -0.42 -1.67
N SER C 89 -42.22 0.90 -1.47
CA SER C 89 -41.81 1.87 -2.52
C SER C 89 -40.33 2.20 -2.34
N ASN C 90 -39.61 2.43 -3.44
CA ASN C 90 -38.16 2.76 -3.33
C ASN C 90 -37.82 3.89 -4.31
N ASP C 91 -38.68 4.89 -4.41
CA ASP C 91 -38.42 6.04 -5.31
C ASP C 91 -37.47 7.01 -4.60
N TYR C 92 -36.36 7.36 -5.24
CA TYR C 92 -35.37 8.28 -4.64
C TYR C 92 -35.25 9.54 -5.51
N PHE C 93 -35.82 10.66 -5.05
CA PHE C 93 -35.74 11.91 -5.84
C PHE C 93 -34.49 12.72 -5.47
N GLN C 94 -33.68 13.03 -6.47
CA GLN C 94 -32.44 13.83 -6.31
C GLN C 94 -32.50 15.00 -7.30
N SER C 95 -32.57 16.24 -6.79
CA SER C 95 -32.64 17.43 -7.68
C SER C 95 -31.40 17.48 -8.57
N LYS C 96 -31.60 17.82 -9.86
CA LYS C 96 -30.53 17.91 -10.89
C LYS C 96 -29.88 16.53 -11.06
N GLU C 97 -30.68 15.52 -11.42
CA GLU C 97 -30.16 14.14 -11.64
C GLU C 97 -30.94 13.48 -12.77
N ARG C 107 -36.11 6.23 -13.85
CA ARG C 107 -35.84 6.84 -12.53
C ARG C 107 -35.49 5.74 -11.53
N GLN C 108 -36.01 4.53 -11.76
CA GLN C 108 -36.30 3.54 -10.69
C GLN C 108 -35.00 2.93 -10.16
N PHE C 109 -35.03 2.39 -8.94
CA PHE C 109 -33.82 1.78 -8.33
C PHE C 109 -34.14 0.37 -7.83
N ASN C 110 -33.20 -0.56 -7.98
CA ASN C 110 -33.40 -1.94 -7.49
C ASN C 110 -33.42 -1.92 -5.97
N SER C 111 -34.23 -2.78 -5.36
CA SER C 111 -34.32 -2.80 -3.87
C SER C 111 -33.23 -3.73 -3.33
N ILE C 112 -32.79 -3.51 -2.09
CA ILE C 112 -31.77 -4.35 -1.50
C ILE C 112 -32.35 -5.73 -1.24
N ASN C 113 -31.58 -6.77 -1.53
CA ASN C 113 -32.02 -8.14 -1.30
C ASN C 113 -32.40 -8.36 0.15
N ASP C 114 -33.47 -9.14 0.36
CA ASP C 114 -33.93 -9.45 1.71
C ASP C 114 -32.84 -10.12 2.55
N SER C 115 -32.04 -10.99 1.94
CA SER C 115 -31.00 -11.68 2.69
C SER C 115 -29.95 -10.73 3.24
N PHE C 116 -29.71 -9.61 2.55
CA PHE C 116 -28.79 -8.60 3.04
C PHE C 116 -29.43 -7.78 4.17
N LEU C 117 -30.72 -7.47 4.04
CA LEU C 117 -31.36 -6.62 5.04
C LEU C 117 -31.57 -7.35 6.36
N CYS C 118 -31.81 -8.66 6.33
CA CYS C 118 -31.96 -9.44 7.55
C CYS C 118 -30.64 -10.00 8.08
N ASN C 119 -29.55 -9.82 7.36
CA ASN C 119 -28.23 -10.21 7.88
C ASN C 119 -28.04 -9.55 9.24
N PRO C 120 -27.92 -10.32 10.32
CA PRO C 120 -27.83 -9.72 11.67
C PRO C 120 -26.79 -8.63 11.82
N LEU C 121 -25.70 -8.68 11.05
CA LEU C 121 -24.71 -7.62 11.13
C LEU C 121 -25.24 -6.32 10.54
N ILE C 122 -25.92 -6.40 9.39
CA ILE C 122 -26.54 -5.22 8.79
C ILE C 122 -27.61 -4.63 9.71
N GLN C 123 -28.43 -5.49 10.32
CA GLN C 123 -29.47 -5.01 11.23
C GLN C 123 -28.84 -4.30 12.43
N ASN C 124 -27.71 -4.81 12.91
CA ASN C 124 -27.04 -4.18 14.05
C ASN C 124 -26.44 -2.82 13.66
N ILE C 125 -25.91 -2.72 12.44
CA ILE C 125 -25.38 -1.43 11.98
C ILE C 125 -26.50 -0.41 11.90
N VAL C 126 -27.63 -0.80 11.30
CA VAL C 126 -28.77 0.10 11.17
C VAL C 126 -29.29 0.51 12.53
N ARG C 127 -29.39 -0.43 13.47
CA ARG C 127 -29.86 -0.10 14.81
C ARG C 127 -28.88 0.80 15.56
N PHE C 128 -27.58 0.56 15.38
CA PHE C 128 -26.60 1.48 15.96
C PHE C 128 -26.74 2.87 15.37
N ASP C 129 -26.85 2.96 14.04
CA ASP C 129 -26.96 4.25 13.38
C ASP C 129 -28.22 4.98 13.84
N THR C 130 -29.33 4.24 13.96
CA THR C 130 -30.58 4.85 14.40
C THR C 130 -30.47 5.38 15.82
N GLU C 131 -29.86 4.60 16.71
CA GLU C 131 -29.73 5.04 18.10
C GLU C 131 -28.81 6.25 18.22
N PHE C 132 -27.79 6.33 17.34
CA PHE C 132 -26.94 7.51 17.30
C PHE C 132 -27.68 8.72 16.74
N ALA C 133 -28.43 8.51 15.66
CA ALA C 133 -29.15 9.64 15.04
C ALA C 133 -30.16 10.23 16.00
N PHE C 134 -30.91 9.38 16.70
CA PHE C 134 -31.92 9.85 17.65
C PHE C 134 -31.34 10.57 18.85
N LYS C 135 -30.10 10.31 19.23
CA LYS C 135 -29.52 11.02 20.36
C LYS C 135 -28.84 12.32 19.97
N THR C 136 -28.94 12.73 18.70
CA THR C 136 -28.50 14.05 18.31
C THR C 136 -29.67 15.03 18.44
N ASN C 137 -29.33 16.31 18.63
CA ASN C 137 -30.32 17.38 18.52
C ASN C 137 -30.65 17.74 17.08
N ILE C 138 -29.93 17.15 16.12
CA ILE C 138 -30.17 17.46 14.70
C ILE C 138 -31.50 16.88 14.24
N ILE C 139 -31.85 15.67 14.68
CA ILE C 139 -33.04 14.99 14.19
C ILE C 139 -34.20 15.38 15.10
N ASP C 140 -35.22 15.98 14.50
CA ASP C 140 -36.41 16.40 15.23
C ASP C 140 -37.31 15.19 15.40
N LYS C 141 -37.44 14.73 16.63
CA LYS C 141 -38.24 13.56 16.99
C LYS C 141 -39.74 13.80 16.85
N SER C 142 -40.14 14.99 16.41
CA SER C 142 -41.54 15.30 16.21
C SER C 142 -41.99 15.13 14.77
N LYS C 143 -41.19 14.49 13.92
CA LYS C 143 -41.58 14.21 12.54
C LYS C 143 -41.36 12.75 12.19
N ASP C 144 -42.11 12.29 11.18
CA ASP C 144 -41.98 10.93 10.64
C ASP C 144 -40.65 10.78 9.89
N LEU C 145 -39.87 9.76 10.27
CA LEU C 145 -38.53 9.58 9.72
C LEU C 145 -38.45 8.51 8.63
N ILE C 146 -37.66 8.82 7.59
CA ILE C 146 -37.22 7.86 6.59
C ILE C 146 -35.79 7.46 6.91
N ILE C 147 -35.55 6.16 7.12
CA ILE C 147 -34.20 5.63 7.31
C ILE C 147 -33.80 4.96 6.01
N GLY C 148 -32.96 5.63 5.22
CA GLY C 148 -32.57 5.12 3.91
C GLY C 148 -31.30 4.30 3.96
N LEU C 149 -31.29 3.23 3.17
CA LEU C 149 -30.14 2.34 3.05
C LEU C 149 -29.71 2.29 1.59
N HIS C 150 -28.46 2.68 1.34
CA HIS C 150 -27.91 2.71 -0.01
C HIS C 150 -26.74 1.74 -0.09
N GLN C 151 -26.90 0.70 -0.91
CA GLN C 151 -25.87 -0.28 -1.17
C GLN C 151 -25.22 0.11 -2.50
N VAL C 152 -23.97 0.58 -2.45
CA VAL C 152 -23.29 1.13 -3.61
C VAL C 152 -21.97 0.41 -3.82
N ARG C 153 -21.73 -0.03 -5.04
CA ARG C 153 -20.43 -0.55 -5.46
C ARG C 153 -19.89 0.39 -6.53
N TYR C 154 -18.79 1.09 -6.22
CA TYR C 154 -18.12 1.89 -7.23
C TYR C 154 -17.18 1.00 -8.03
N LYS C 155 -17.17 1.17 -9.34
CA LYS C 155 -16.37 0.33 -10.21
C LYS C 155 -15.44 1.22 -11.01
N ALA C 156 -14.15 0.95 -10.94
CA ALA C 156 -13.14 1.73 -11.62
C ALA C 156 -12.29 0.82 -12.48
N THR C 157 -11.89 1.34 -13.63
CA THR C 157 -11.02 0.63 -14.55
C THR C 157 -9.96 1.61 -15.03
N LYS C 158 -8.90 1.08 -15.63
CA LYS C 158 -7.81 1.95 -16.08
C LYS C 158 -8.28 2.98 -17.09
N GLU C 159 -9.28 2.66 -17.91
CA GLU C 159 -9.74 3.60 -18.93
C GLU C 159 -10.90 4.45 -18.46
N ARG C 160 -11.58 4.06 -17.39
CA ARG C 160 -12.71 4.82 -16.85
C ARG C 160 -12.62 4.83 -15.35
N PRO C 161 -12.08 5.89 -14.77
CA PRO C 161 -12.15 6.05 -13.32
C PRO C 161 -13.60 6.23 -12.92
N SER C 162 -13.88 6.10 -11.63
CA SER C 162 -15.24 6.20 -11.14
C SER C 162 -15.40 7.53 -10.42
N PHE C 163 -16.38 8.31 -10.85
CA PHE C 163 -16.65 9.63 -10.23
C PHE C 163 -18.15 9.77 -9.96
N SER C 164 -18.50 10.61 -8.97
CA SER C 164 -19.92 10.78 -8.54
C SER C 164 -20.49 12.11 -9.06
N SER C 165 -21.74 12.38 -8.69
CA SER C 165 -22.44 13.64 -9.05
C SER C 165 -23.20 14.14 -7.81
N PRO C 166 -22.69 15.11 -7.01
CA PRO C 166 -21.62 16.04 -7.41
C PRO C 166 -20.20 15.46 -7.30
N ILE C 167 -19.31 15.92 -8.18
CA ILE C 167 -17.91 15.41 -8.28
C ILE C 167 -17.02 15.97 -7.15
N TRP C 168 -17.39 17.09 -6.56
CA TRP C 168 -16.52 17.68 -5.52
C TRP C 168 -17.28 17.99 -4.22
N LEU C 169 -16.81 18.96 -3.43
CA LEU C 169 -17.36 19.24 -2.10
C LEU C 169 -18.86 19.53 -2.17
N HIS C 170 -19.59 19.07 -1.16
CA HIS C 170 -21.05 19.16 -1.19
C HIS C 170 -21.62 18.80 0.17
N LYS C 171 -22.93 18.98 0.29
CA LYS C 171 -23.74 18.51 1.39
C LYS C 171 -24.79 17.57 0.85
N ASP C 172 -25.03 16.49 1.60
CA ASP C 172 -26.05 15.49 1.19
C ASP C 172 -27.45 16.03 1.54
N ASP C 173 -28.48 15.47 0.91
CA ASP C 173 -29.85 15.90 1.16
C ASP C 173 -30.28 15.64 2.59
N GLU C 174 -29.81 14.56 3.20
CA GLU C 174 -30.24 14.10 4.52
C GLU C 174 -29.38 14.72 5.61
N PRO C 175 -30.02 15.18 6.70
CA PRO C 175 -29.25 15.85 7.76
C PRO C 175 -28.23 14.96 8.46
N VAL C 176 -28.42 13.65 8.49
CA VAL C 176 -27.46 12.72 9.08
C VAL C 176 -27.27 11.55 8.14
N VAL C 177 -26.02 11.27 7.78
CA VAL C 177 -25.66 10.21 6.85
C VAL C 177 -24.53 9.39 7.46
N PHE C 178 -24.68 8.07 7.45
CA PHE C 178 -23.64 7.14 7.88
C PHE C 178 -23.02 6.48 6.66
N LEU C 179 -21.69 6.60 6.53
CA LEU C 179 -20.93 5.94 5.48
C LEU C 179 -20.16 4.77 6.09
N HIS C 180 -20.54 3.55 5.71
CA HIS C 180 -19.87 2.34 6.17
C HIS C 180 -19.13 1.70 5.00
N LEU C 181 -17.81 1.59 5.11
CA LEU C 181 -17.05 0.82 4.13
C LEU C 181 -17.33 -0.67 4.29
N MET C 182 -17.69 -1.32 3.20
CA MET C 182 -17.91 -2.76 3.21
C MET C 182 -16.76 -3.56 2.61
N ASN C 183 -16.13 -3.05 1.55
CA ASN C 183 -15.06 -3.78 0.88
C ASN C 183 -14.36 -2.85 -0.08
N LEU C 184 -13.07 -3.12 -0.30
CA LEU C 184 -12.25 -2.33 -1.21
C LEU C 184 -11.22 -3.25 -1.82
N SER C 185 -11.25 -3.40 -3.14
CA SER C 185 -10.26 -4.22 -3.82
C SER C 185 -8.85 -3.64 -3.59
N ASN C 186 -7.86 -4.54 -3.58
CA ASN C 186 -6.49 -4.11 -3.34
C ASN C 186 -5.91 -3.31 -4.50
N THR C 187 -6.52 -3.40 -5.69
CA THR C 187 -6.06 -2.66 -6.84
C THR C 187 -6.64 -1.26 -6.92
N ALA C 188 -7.52 -0.90 -6.00
CA ALA C 188 -8.18 0.39 -6.05
C ALA C 188 -7.30 1.49 -5.45
N ILE C 189 -7.39 2.68 -6.05
CA ILE C 189 -6.72 3.88 -5.55
C ILE C 189 -7.76 4.99 -5.46
N GLY C 190 -7.57 5.88 -4.50
CA GLY C 190 -8.53 6.95 -4.29
C GLY C 190 -9.67 6.55 -3.38
N GLY C 191 -10.79 7.24 -3.54
CA GLY C 191 -11.92 7.03 -2.65
C GLY C 191 -11.71 7.54 -1.25
N ASP C 192 -10.88 8.57 -1.09
CA ASP C 192 -10.67 9.19 0.21
C ASP C 192 -11.76 10.22 0.49
N ASN C 193 -12.08 10.38 1.77
CA ASN C 193 -13.12 11.31 2.20
C ASN C 193 -12.49 12.60 2.69
N LEU C 194 -13.05 13.72 2.26
CA LEU C 194 -12.57 15.05 2.63
C LEU C 194 -13.64 15.78 3.43
N ILE C 195 -13.22 16.54 4.43
CA ILE C 195 -14.09 17.40 5.21
C ILE C 195 -13.64 18.84 5.05
N ALA C 196 -14.58 19.73 4.72
CA ALA C 196 -14.28 21.13 4.54
C ALA C 196 -15.35 21.96 5.22
N ASN C 197 -14.93 22.86 6.12
CA ASN C 197 -15.87 23.80 6.70
C ASN C 197 -16.40 24.76 5.64
N SER C 198 -15.56 25.12 4.69
CA SER C 198 -15.93 25.92 3.54
C SER C 198 -15.30 25.36 2.33
N PRO C 199 -15.75 25.68 1.12
CA PRO C 199 -15.12 25.20 -0.11
C PRO C 199 -13.72 25.77 -0.39
N ARG C 200 -13.19 26.59 0.51
CA ARG C 200 -11.88 27.25 0.25
C ARG C 200 -10.71 26.45 0.87
N GLU C 201 -11.00 25.50 1.77
CA GLU C 201 -9.88 24.76 2.41
C GLU C 201 -10.34 23.37 2.86
N ILE C 202 -9.43 22.40 2.76
CA ILE C 202 -9.69 21.01 3.23
C ILE C 202 -9.24 20.98 4.70
N ASN C 203 -10.15 20.64 5.62
CA ASN C 203 -9.81 20.65 7.07
C ASN C 203 -9.40 19.25 7.54
N GLN C 204 -10.04 18.21 7.02
CA GLN C 204 -9.72 16.84 7.49
C GLN C 204 -9.66 15.86 6.30
N PHE C 205 -8.76 14.88 6.39
CA PHE C 205 -8.58 13.84 5.35
C PHE C 205 -8.80 12.48 6.01
N ILE C 206 -9.83 11.75 5.58
CA ILE C 206 -10.13 10.42 6.18
C ILE C 206 -10.09 9.35 5.09
N SER C 207 -9.30 8.30 5.31
CA SER C 207 -9.21 7.19 4.33
C SER C 207 -9.77 5.91 4.96
N LEU C 208 -10.95 5.48 4.52
CA LEU C 208 -11.54 4.23 5.05
C LEU C 208 -10.78 3.07 4.41
N LYS C 209 -10.07 2.28 5.24
CA LYS C 209 -9.25 1.16 4.73
C LYS C 209 -9.89 -0.20 5.04
N GLU C 210 -9.92 -0.61 6.30
CA GLU C 210 -10.50 -1.95 6.59
C GLU C 210 -12.02 -1.88 6.62
N PRO C 211 -12.72 -3.01 6.34
CA PRO C 211 -14.19 -3.07 6.37
C PRO C 211 -14.81 -2.66 7.71
N LEU C 212 -16.03 -2.11 7.61
CA LEU C 212 -16.88 -1.57 8.72
C LEU C 212 -16.27 -0.28 9.28
N GLU C 213 -15.27 0.29 8.59
CA GLU C 213 -14.79 1.63 9.05
C GLU C 213 -15.94 2.59 8.73
N THR C 214 -16.20 3.54 9.62
CA THR C 214 -17.42 4.32 9.46
C THR C 214 -17.13 5.81 9.59
N LEU C 215 -17.83 6.60 8.77
CA LEU C 215 -17.77 8.06 8.81
C LEU C 215 -19.20 8.59 8.78
N VAL C 216 -19.54 9.46 9.72
CA VAL C 216 -20.86 10.07 9.82
C VAL C 216 -20.77 11.54 9.44
N PHE C 217 -21.67 11.99 8.58
CA PHE C 217 -21.70 13.37 8.10
C PHE C 217 -22.95 14.11 8.59
N GLY C 218 -22.76 15.36 9.01
CA GLY C 218 -23.84 16.30 9.15
C GLY C 218 -23.77 17.35 8.05
N GLN C 219 -24.73 18.26 8.08
CA GLN C 219 -24.83 19.30 7.05
C GLN C 219 -24.14 20.58 7.44
N LYS C 220 -23.47 20.60 8.60
CA LYS C 220 -22.74 21.77 9.05
C LYS C 220 -21.43 21.95 8.28
N VAL C 221 -20.94 20.89 7.63
CA VAL C 221 -19.69 20.94 6.87
C VAL C 221 -19.94 20.36 5.49
N PHE C 222 -19.04 20.68 4.58
CA PHE C 222 -19.01 20.04 3.28
C PHE C 222 -18.18 18.78 3.37
N HIS C 223 -18.47 17.83 2.48
CA HIS C 223 -17.65 16.65 2.34
C HIS C 223 -17.54 16.30 0.87
N ALA C 224 -16.62 15.39 0.58
CA ALA C 224 -16.46 14.86 -0.77
C ALA C 224 -15.77 13.52 -0.66
N VAL C 225 -15.84 12.75 -1.73
CA VAL C 225 -15.08 11.51 -1.85
C VAL C 225 -14.27 11.61 -3.13
N THR C 226 -12.96 11.43 -3.00
CA THR C 226 -12.04 11.48 -4.12
C THR C 226 -12.41 10.40 -5.14
N PRO C 227 -12.17 10.64 -6.44
CA PRO C 227 -12.47 9.62 -7.45
C PRO C 227 -11.73 8.31 -7.17
N LEU C 228 -12.30 7.23 -7.70
CA LEU C 228 -11.73 5.90 -7.55
C LEU C 228 -11.02 5.51 -8.84
N GLY C 229 -9.77 5.07 -8.73
CA GLY C 229 -8.99 4.68 -9.89
C GLY C 229 -8.29 3.35 -9.68
N THR C 230 -7.62 2.91 -10.74
CA THR C 230 -6.72 1.77 -10.70
C THR C 230 -5.73 1.93 -11.84
N GLU C 231 -4.46 1.62 -11.56
CA GLU C 231 -3.46 1.45 -12.60
C GLU C 231 -3.27 0.00 -13.00
N CYS C 232 -4.27 -0.84 -12.75
CA CYS C 232 -4.18 -2.27 -13.02
C CYS C 232 -5.16 -2.65 -14.12
N SER C 233 -4.95 -3.82 -14.71
CA SER C 233 -5.74 -4.25 -15.85
C SER C 233 -7.08 -4.84 -15.46
N THR C 234 -7.36 -5.04 -14.18
CA THR C 234 -8.62 -5.59 -13.73
C THR C 234 -9.49 -4.51 -13.11
N GLU C 235 -10.75 -4.87 -12.86
CA GLU C 235 -11.72 -3.95 -12.29
C GLU C 235 -11.50 -3.79 -10.79
N ALA C 236 -11.51 -2.54 -10.33
CA ALA C 236 -11.38 -2.22 -8.91
C ALA C 236 -12.73 -1.81 -8.36
N PHE C 237 -12.98 -2.16 -7.10
CA PHE C 237 -14.27 -1.96 -6.48
C PHE C 237 -14.11 -1.17 -5.18
N ARG C 238 -15.16 -0.42 -4.85
CA ARG C 238 -15.32 0.17 -3.53
C ARG C 238 -16.77 -0.07 -3.13
N ASP C 239 -16.98 -0.95 -2.17
CA ASP C 239 -18.30 -1.36 -1.73
C ASP C 239 -18.67 -0.53 -0.51
N ILE C 240 -19.80 0.16 -0.59
CA ILE C 240 -20.20 1.12 0.43
C ILE C 240 -21.62 0.80 0.88
N LEU C 241 -21.91 1.16 2.13
CA LEU C 241 -23.28 1.16 2.64
C LEU C 241 -23.55 2.52 3.26
N LEU C 242 -24.60 3.19 2.78
CA LEU C 242 -25.04 4.46 3.35
C LEU C 242 -26.33 4.24 4.14
N VAL C 243 -26.38 4.78 5.34
CA VAL C 243 -27.59 4.78 6.17
C VAL C 243 -27.92 6.24 6.46
N THR C 244 -29.00 6.73 5.86
CA THR C 244 -29.39 8.13 5.95
C THR C 244 -30.67 8.30 6.75
N PHE C 245 -30.78 9.44 7.43
CA PHE C 245 -31.95 9.79 8.21
C PHE C 245 -32.51 11.12 7.71
N SER C 246 -33.74 11.09 7.21
CA SER C 246 -34.44 12.28 6.74
C SER C 246 -35.92 12.18 7.06
N TYR C 247 -36.62 13.29 6.87
CA TYR C 247 -38.04 13.41 7.21
C TYR C 247 -38.94 12.91 6.09
N LYS C 248 -40.05 12.28 6.50
CA LYS C 248 -41.00 11.73 5.52
C LYS C 248 -41.75 12.82 4.77
N GLU C 249 -42.07 13.92 5.43
CA GLU C 249 -42.78 15.02 4.78
C GLU C 249 -42.63 16.32 5.56
N PHE D 17 13.53 6.44 -26.15
CA PHE D 17 13.49 7.93 -26.29
C PHE D 17 12.22 8.33 -27.03
N SER D 18 12.20 8.12 -28.35
CA SER D 18 11.03 8.42 -29.21
C SER D 18 10.48 9.82 -28.93
N ILE D 19 11.26 10.87 -29.20
CA ILE D 19 10.78 12.26 -28.97
C ILE D 19 10.16 12.79 -30.26
N GLU D 20 9.10 12.14 -30.75
CA GLU D 20 8.41 12.54 -31.99
C GLU D 20 6.93 12.18 -31.85
N GLU D 21 6.65 10.88 -31.69
CA GLU D 21 5.26 10.37 -31.53
C GLU D 21 4.75 10.83 -30.16
N LYS D 22 5.63 10.87 -29.16
CA LYS D 22 5.25 11.29 -27.78
C LYS D 22 4.72 12.72 -27.82
N VAL D 23 5.39 13.62 -28.54
CA VAL D 23 4.95 15.04 -28.64
C VAL D 23 3.60 15.09 -29.35
N HIS D 24 3.40 14.24 -30.36
CA HIS D 24 2.10 14.20 -31.09
C HIS D 24 1.01 13.71 -30.12
N GLU D 25 1.32 12.66 -29.37
CA GLU D 25 0.37 12.09 -28.37
C GLU D 25 -0.01 13.19 -27.38
N PHE D 26 0.98 13.93 -26.89
CA PHE D 26 0.74 15.01 -25.90
C PHE D 26 -0.10 16.12 -26.55
N GLU D 27 0.16 16.40 -27.83
CA GLU D 27 -0.60 17.46 -28.55
C GLU D 27 -2.02 16.99 -28.78
N SER D 28 -2.22 15.69 -28.97
CA SER D 28 -3.57 15.11 -29.25
C SER D 28 -4.36 14.86 -27.95
N LYS D 29 -3.69 14.37 -26.89
CA LYS D 29 -4.38 14.03 -25.63
C LYS D 29 -4.43 15.24 -24.68
N GLY D 30 -3.44 16.13 -24.75
CA GLY D 30 -3.41 17.31 -23.87
C GLY D 30 -2.59 17.04 -22.61
N PHE D 31 -2.12 15.80 -22.46
CA PHE D 31 -1.30 15.39 -21.29
C PHE D 31 -0.49 14.16 -21.69
N LEU D 32 0.59 13.87 -20.96
CA LEU D 32 1.42 12.68 -21.28
C LEU D 32 2.17 12.21 -20.05
N GLU D 33 2.24 10.89 -19.86
CA GLU D 33 2.97 10.28 -18.72
C GLU D 33 4.33 9.81 -19.24
N ILE D 34 5.42 10.27 -18.60
CA ILE D 34 6.79 9.87 -19.01
C ILE D 34 7.41 9.05 -17.88
N SER D 35 7.99 7.89 -18.19
CA SER D 35 8.61 7.03 -17.15
C SER D 35 9.94 7.63 -16.69
N ASN D 36 10.42 7.22 -15.51
CA ASN D 36 11.68 7.74 -14.91
C ASN D 36 12.90 7.01 -15.47
N GLU D 37 12.69 5.98 -16.29
CA GLU D 37 13.78 5.14 -16.88
C GLU D 37 14.73 5.99 -17.74
N ILE D 38 14.21 7.01 -18.43
CA ILE D 38 15.04 7.90 -19.31
C ILE D 38 15.96 8.79 -18.46
N PHE D 39 15.59 9.07 -17.21
CA PHE D 39 16.41 9.95 -16.33
C PHE D 39 17.33 9.10 -15.45
N LEU D 40 17.16 7.77 -15.47
CA LEU D 40 18.00 6.88 -14.62
C LEU D 40 18.70 5.85 -15.51
N GLN D 41 19.46 6.31 -16.51
CA GLN D 41 20.16 5.36 -17.43
C GLN D 41 21.56 5.06 -16.89
N GLU D 42 22.14 5.97 -16.11
CA GLU D 42 23.49 5.77 -15.51
C GLU D 42 23.33 5.55 -14.01
N GLU D 43 24.30 4.89 -13.36
CA GLU D 43 24.22 4.61 -11.90
C GLU D 43 24.62 5.85 -11.10
N GLU D 44 25.24 6.84 -11.74
CA GLU D 44 25.64 8.10 -11.06
C GLU D 44 24.39 8.96 -10.83
N ASN D 45 23.36 8.78 -11.67
CA ASN D 45 22.09 9.54 -11.57
C ASN D 45 21.39 9.23 -10.24
N HIS D 46 21.49 7.99 -9.77
CA HIS D 46 20.85 7.58 -8.48
C HIS D 46 21.43 8.40 -7.32
N SER D 47 22.73 8.67 -7.33
CA SER D 47 23.37 9.45 -6.24
C SER D 47 22.98 10.92 -6.35
N LEU D 48 22.82 11.42 -7.58
CA LEU D 48 22.44 12.85 -7.80
C LEU D 48 20.98 13.05 -7.40
N LEU D 49 20.14 12.03 -7.62
CA LEU D 49 18.70 12.13 -7.23
C LEU D 49 18.61 12.24 -5.71
N THR D 50 19.45 11.50 -4.99
CA THR D 50 19.46 11.53 -3.51
C THR D 50 19.84 12.93 -3.04
N GLN D 51 20.84 13.54 -3.71
CA GLN D 51 21.31 14.90 -3.36
C GLN D 51 20.16 15.89 -3.59
N ALA D 52 19.43 15.74 -4.70
CA ALA D 52 18.30 16.64 -5.03
C ALA D 52 17.14 16.37 -4.06
N GLN D 53 16.97 15.12 -3.66
CA GLN D 53 15.88 14.73 -2.73
C GLN D 53 16.16 15.32 -1.34
N LEU D 54 17.44 15.41 -0.97
CA LEU D 54 17.85 15.91 0.37
C LEU D 54 17.71 17.45 0.46
N ASP D 55 17.59 18.14 -0.66
CA ASP D 55 17.46 19.63 -0.66
C ASP D 55 16.05 20.08 -0.27
N TYR D 56 15.07 19.16 -0.26
CA TYR D 56 13.66 19.49 0.09
C TYR D 56 13.48 19.69 1.59
N TYR D 57 14.46 19.24 2.40
CA TYR D 57 14.42 19.42 3.87
C TYR D 57 14.92 20.83 4.23
N ASN D 58 15.53 21.54 3.28
CA ASN D 58 16.06 22.92 3.50
C ASN D 58 15.01 23.96 3.12
N LEU D 59 13.94 23.55 2.43
CA LEU D 59 12.87 24.50 2.02
C LEU D 59 12.24 25.11 3.28
N GLU D 60 11.97 26.43 3.26
CA GLU D 60 11.38 27.11 4.44
C GLU D 60 9.87 27.25 4.23
N ASP D 61 9.10 27.27 5.32
CA ASP D 61 7.63 27.40 5.26
C ASP D 61 7.26 28.73 4.60
N GLU D 66 1.55 25.73 7.92
CA GLU D 66 1.21 26.00 6.49
C GLU D 66 1.15 24.68 5.73
N CYS D 67 0.21 24.58 4.78
CA CYS D 67 0.00 23.35 3.97
C CYS D 67 1.29 22.92 3.25
N ARG D 68 2.09 23.85 2.73
CA ARG D 68 3.32 23.45 2.00
C ARG D 68 4.40 24.54 2.03
N ALA D 69 5.63 24.16 1.67
CA ALA D 69 6.80 25.05 1.59
C ALA D 69 7.32 25.02 0.15
N ARG D 70 7.68 26.18 -0.42
CA ARG D 70 8.13 26.17 -1.83
C ARG D 70 9.26 27.18 -2.08
N SER D 71 10.00 26.98 -3.17
CA SER D 71 11.11 27.85 -3.62
C SER D 71 10.92 28.10 -5.11
N TYR D 72 11.28 29.28 -5.60
CA TYR D 72 11.08 29.54 -7.05
C TYR D 72 12.33 30.17 -7.67
N SER D 73 12.68 29.67 -8.87
CA SER D 73 13.83 30.15 -9.67
C SER D 73 13.39 30.05 -11.14
N ARG D 74 13.89 30.93 -12.01
CA ARG D 74 13.45 30.85 -13.42
C ARG D 74 14.62 31.13 -14.38
N TYR D 75 14.49 30.60 -15.60
CA TYR D 75 15.50 30.81 -16.67
C TYR D 75 14.81 31.59 -17.79
N ILE D 76 15.56 32.47 -18.47
CA ILE D 76 14.97 33.27 -19.59
C ILE D 76 15.53 32.74 -20.90
N LYS D 77 14.67 32.55 -21.91
CA LYS D 77 15.11 32.07 -23.24
C LYS D 77 14.70 33.11 -24.28
N TYR D 78 15.62 34.03 -24.60
CA TYR D 78 15.34 35.10 -25.59
C TYR D 78 15.27 34.49 -26.99
N VAL D 79 14.40 35.04 -27.84
CA VAL D 79 14.22 34.52 -29.23
C VAL D 79 15.57 34.53 -29.94
N ASP D 80 16.31 35.64 -29.84
CA ASP D 80 17.62 35.78 -30.53
C ASP D 80 18.72 35.07 -29.72
N SER D 81 18.53 34.91 -28.41
CA SER D 81 19.54 34.21 -27.58
C SER D 81 19.63 32.75 -28.01
N PRO D 82 20.83 32.12 -27.98
CA PRO D 82 20.99 30.73 -28.43
C PRO D 82 20.73 29.70 -27.32
N ASP D 83 20.48 30.15 -26.09
CA ASP D 83 20.26 29.21 -24.97
C ASP D 83 19.54 29.94 -23.83
N TYR D 84 19.05 29.19 -22.84
CA TYR D 84 18.34 29.80 -21.69
C TYR D 84 19.35 30.13 -20.59
N ILE D 85 19.14 31.25 -19.90
CA ILE D 85 20.09 31.71 -18.84
C ILE D 85 19.32 31.94 -17.53
N LEU D 86 19.98 31.70 -16.40
CA LEU D 86 19.35 31.90 -15.06
C LEU D 86 19.07 33.39 -14.84
N ASP D 87 17.81 33.75 -14.56
CA ASP D 87 17.43 35.17 -14.36
C ASP D 87 17.73 35.59 -12.92
N ASN D 88 18.39 36.73 -12.74
CA ASN D 88 18.72 37.26 -11.39
C ASN D 88 18.32 38.74 -11.33
N SER D 89 17.33 39.14 -12.14
CA SER D 89 16.84 40.55 -12.19
C SER D 89 16.61 41.08 -10.78
N GLN D 108 6.59 37.03 -2.48
CA GLN D 108 7.49 36.21 -3.33
C GLN D 108 8.26 35.21 -2.45
N PHE D 109 8.44 33.99 -2.94
CA PHE D 109 9.12 32.91 -2.18
C PHE D 109 10.64 33.00 -2.33
N ASN D 110 11.34 32.06 -1.67
CA ASN D 110 12.82 31.99 -1.70
C ASN D 110 13.28 31.42 -3.06
N SER D 111 14.55 31.66 -3.41
CA SER D 111 15.09 31.11 -4.68
C SER D 111 15.60 29.69 -4.44
N ILE D 112 15.59 28.86 -5.48
CA ILE D 112 16.09 27.47 -5.37
C ILE D 112 17.59 27.52 -5.09
N ASN D 113 18.09 26.66 -4.20
CA ASN D 113 19.53 26.62 -3.84
C ASN D 113 20.39 26.35 -5.09
N ASP D 114 21.57 26.97 -5.15
CA ASP D 114 22.51 26.81 -6.29
C ASP D 114 22.95 25.36 -6.40
N SER D 115 23.15 24.68 -5.26
CA SER D 115 23.55 23.25 -5.23
C SER D 115 22.51 22.40 -5.98
N PHE D 116 21.22 22.69 -5.79
CA PHE D 116 20.12 21.97 -6.49
C PHE D 116 20.16 22.31 -7.99
N LEU D 117 20.51 23.57 -8.31
CA LEU D 117 20.56 24.02 -9.73
C LEU D 117 21.86 23.55 -10.40
N CYS D 118 22.94 23.36 -9.63
CA CYS D 118 24.23 22.86 -10.19
C CYS D 118 24.11 21.37 -10.47
N ASN D 119 23.23 20.68 -9.73
CA ASN D 119 22.97 19.23 -9.88
C ASN D 119 22.80 18.89 -11.37
N PRO D 120 23.69 18.07 -11.97
CA PRO D 120 23.59 17.70 -13.38
C PRO D 120 22.27 16.99 -13.72
N LEU D 121 21.75 16.18 -12.80
CA LEU D 121 20.48 15.45 -13.04
C LEU D 121 19.35 16.48 -13.19
N ILE D 122 19.36 17.53 -12.36
CA ILE D 122 18.31 18.59 -12.44
C ILE D 122 18.46 19.34 -13.76
N GLN D 123 19.71 19.57 -14.18
CA GLN D 123 19.99 20.29 -15.46
C GLN D 123 19.55 19.40 -16.63
N ASN D 124 19.69 18.09 -16.49
CA ASN D 124 19.28 17.14 -17.56
C ASN D 124 17.76 17.16 -17.69
N ILE D 125 17.05 17.19 -16.56
CA ILE D 125 15.56 17.22 -16.55
C ILE D 125 15.10 18.49 -17.27
N VAL D 126 15.61 19.64 -16.85
CA VAL D 126 15.25 20.95 -17.46
C VAL D 126 15.58 20.90 -18.95
N ARG D 127 16.76 20.40 -19.30
CA ARG D 127 17.17 20.30 -20.72
C ARG D 127 16.15 19.46 -21.48
N PHE D 128 15.80 18.30 -20.93
CA PHE D 128 14.81 17.39 -21.59
C PHE D 128 13.46 18.11 -21.69
N ASP D 129 13.04 18.79 -20.63
CA ASP D 129 11.75 19.51 -20.61
C ASP D 129 11.74 20.58 -21.71
N THR D 130 12.80 21.38 -21.78
CA THR D 130 12.90 22.48 -22.79
C THR D 130 12.92 21.89 -24.20
N GLU D 131 13.69 20.83 -24.43
CA GLU D 131 13.78 20.19 -25.76
C GLU D 131 12.39 19.68 -26.18
N PHE D 132 11.66 19.08 -25.23
CA PHE D 132 10.29 18.56 -25.51
C PHE D 132 9.35 19.73 -25.79
N ALA D 133 9.29 20.69 -24.86
CA ALA D 133 8.41 21.88 -24.97
C ALA D 133 8.65 22.60 -26.30
N PHE D 134 9.91 22.81 -26.67
CA PHE D 134 10.27 23.51 -27.93
C PHE D 134 9.77 22.72 -29.14
N LYS D 135 9.81 21.38 -29.07
CA LYS D 135 9.38 20.52 -30.19
C LYS D 135 7.84 20.51 -30.30
N THR D 136 7.13 21.18 -29.40
CA THR D 136 5.66 21.22 -29.51
C THR D 136 5.24 22.41 -30.37
N ASN D 137 4.00 22.42 -30.86
CA ASN D 137 3.50 23.55 -31.70
C ASN D 137 2.68 24.50 -30.81
N ILE D 138 2.75 24.30 -29.50
CA ILE D 138 2.00 25.14 -28.52
C ILE D 138 2.89 26.31 -28.10
N ILE D 139 4.20 26.06 -27.99
CA ILE D 139 5.18 27.10 -27.56
C ILE D 139 5.54 27.98 -28.77
N ASP D 140 5.26 29.27 -28.66
CA ASP D 140 5.62 30.23 -29.75
C ASP D 140 7.12 30.48 -29.65
N LYS D 141 7.85 30.29 -30.75
CA LYS D 141 9.33 30.47 -30.77
C LYS D 141 9.69 31.92 -31.12
N SER D 142 8.67 32.78 -31.31
CA SER D 142 8.88 34.20 -31.67
C SER D 142 8.77 35.09 -30.43
N LYS D 143 8.48 34.52 -29.26
CA LYS D 143 8.38 35.35 -28.06
C LYS D 143 9.34 34.83 -26.98
N ASP D 144 9.76 35.74 -26.10
CA ASP D 144 10.69 35.39 -25.03
C ASP D 144 10.05 34.41 -24.06
N LEU D 145 10.70 33.27 -23.84
CA LEU D 145 10.15 32.20 -23.02
C LEU D 145 10.75 32.27 -21.62
N ILE D 146 9.89 32.12 -20.61
CA ILE D 146 10.29 31.93 -19.23
C ILE D 146 10.19 30.44 -18.90
N ILE D 147 11.29 29.85 -18.47
CA ILE D 147 11.32 28.47 -17.99
C ILE D 147 11.31 28.54 -16.47
N GLY D 148 10.15 28.33 -15.86
CA GLY D 148 10.01 28.44 -14.42
C GLY D 148 10.22 27.12 -13.69
N LEU D 149 10.86 27.19 -12.54
CA LEU D 149 11.11 26.03 -11.68
C LEU D 149 10.47 26.25 -10.33
N HIS D 150 9.55 25.37 -9.96
CA HIS D 150 8.88 25.43 -8.66
C HIS D 150 9.27 24.19 -7.88
N GLN D 151 9.99 24.39 -6.78
CA GLN D 151 10.38 23.32 -5.87
C GLN D 151 9.39 23.35 -4.71
N VAL D 152 8.53 22.33 -4.62
CA VAL D 152 7.43 22.34 -3.66
C VAL D 152 7.49 21.09 -2.79
N ARG D 153 7.37 21.28 -1.49
CA ARG D 153 7.28 20.16 -0.53
C ARG D 153 5.91 20.23 0.13
N TYR D 154 5.04 19.25 -0.13
CA TYR D 154 3.70 19.25 0.51
C TYR D 154 3.82 18.52 1.85
N LYS D 155 3.51 19.22 2.95
CA LYS D 155 3.59 18.63 4.30
C LYS D 155 2.18 18.31 4.80
N ALA D 156 1.92 17.05 5.15
CA ALA D 156 0.59 16.63 5.62
C ALA D 156 0.70 15.91 6.97
N THR D 157 -0.12 16.33 7.93
CA THR D 157 -0.17 15.68 9.27
C THR D 157 -1.59 15.13 9.47
N LYS D 158 -1.75 14.21 10.41
CA LYS D 158 -3.07 13.62 10.67
C LYS D 158 -4.12 14.70 10.94
N GLU D 159 -3.73 15.80 11.59
CA GLU D 159 -4.70 16.84 11.91
C GLU D 159 -4.77 17.95 10.88
N ARG D 160 -3.81 18.01 9.96
CA ARG D 160 -3.80 19.04 8.92
C ARG D 160 -3.40 18.45 7.59
N PRO D 161 -4.36 18.11 6.73
CA PRO D 161 -4.04 17.68 5.37
C PRO D 161 -3.43 18.81 4.55
N SER D 162 -2.79 18.44 3.46
CA SER D 162 -2.13 19.37 2.56
C SER D 162 -2.88 19.37 1.24
N PHE D 163 -3.20 20.55 0.73
CA PHE D 163 -3.94 20.66 -0.51
C PHE D 163 -3.37 21.78 -1.37
N SER D 164 -3.65 21.71 -2.65
CA SER D 164 -3.10 22.62 -3.64
C SER D 164 -4.00 23.84 -3.76
N SER D 165 -3.49 24.87 -4.43
CA SER D 165 -4.30 26.02 -4.81
C SER D 165 -4.05 26.30 -6.29
N PRO D 166 -5.09 26.26 -7.15
CA PRO D 166 -6.50 25.91 -6.91
C PRO D 166 -6.70 24.48 -6.41
N ILE D 167 -7.79 24.21 -5.67
CA ILE D 167 -7.93 22.89 -5.07
C ILE D 167 -8.47 21.86 -6.06
N TRP D 168 -9.26 22.27 -7.05
CA TRP D 168 -9.98 21.28 -7.85
C TRP D 168 -9.59 21.43 -9.31
N LEU D 169 -10.40 20.90 -10.22
CA LEU D 169 -10.04 20.88 -11.63
C LEU D 169 -9.80 22.28 -12.13
N HIS D 170 -8.79 22.42 -12.99
CA HIS D 170 -8.34 23.73 -13.44
C HIS D 170 -7.39 23.55 -14.60
N LYS D 171 -7.02 24.67 -15.20
CA LYS D 171 -5.96 24.74 -16.18
C LYS D 171 -4.93 25.72 -15.64
N ASP D 172 -3.66 25.40 -15.81
CA ASP D 172 -2.64 26.31 -15.31
C ASP D 172 -2.46 27.48 -16.27
N ASP D 173 -1.91 28.57 -15.74
CA ASP D 173 -1.67 29.75 -16.57
C ASP D 173 -0.68 29.46 -17.68
N GLU D 174 0.27 28.58 -17.45
CA GLU D 174 1.35 28.33 -18.39
C GLU D 174 0.93 27.28 -19.42
N PRO D 175 1.19 27.51 -20.71
CA PRO D 175 0.71 26.57 -21.74
C PRO D 175 1.30 25.16 -21.65
N VAL D 176 2.50 24.99 -21.09
CA VAL D 176 3.10 23.67 -20.91
C VAL D 176 3.72 23.60 -19.53
N VAL D 177 3.35 22.58 -18.76
CA VAL D 177 3.82 22.39 -17.39
C VAL D 177 4.29 20.94 -17.23
N PHE D 178 5.48 20.76 -16.67
CA PHE D 178 6.04 19.44 -16.37
C PHE D 178 5.96 19.18 -14.87
N LEU D 179 5.35 18.05 -14.50
CA LEU D 179 5.26 17.60 -13.12
C LEU D 179 6.25 16.45 -12.90
N HIS D 180 7.28 16.69 -12.09
CA HIS D 180 8.24 15.66 -11.73
C HIS D 180 8.11 15.33 -10.25
N LEU D 181 7.76 14.08 -9.94
CA LEU D 181 7.81 13.60 -8.56
C LEU D 181 9.26 13.44 -8.12
N MET D 182 9.61 14.04 -6.98
CA MET D 182 10.94 13.89 -6.41
C MET D 182 10.99 12.92 -5.25
N ASN D 183 9.95 12.88 -4.42
CA ASN D 183 9.94 12.04 -3.23
C ASN D 183 8.52 11.99 -2.67
N LEU D 184 8.20 10.86 -2.03
CA LEU D 184 6.88 10.65 -1.43
C LEU D 184 7.05 9.76 -0.22
N SER D 185 6.66 10.26 0.95
CA SER D 185 6.71 9.46 2.17
C SER D 185 5.85 8.22 2.05
N ASN D 186 6.25 7.16 2.74
CA ASN D 186 5.47 5.93 2.74
C ASN D 186 4.18 6.07 3.54
N THR D 187 4.10 7.07 4.40
CA THR D 187 2.93 7.33 5.21
C THR D 187 1.90 8.21 4.51
N ALA D 188 2.21 8.71 3.31
CA ALA D 188 1.33 9.63 2.63
C ALA D 188 0.20 8.91 1.89
N ILE D 189 -0.97 9.54 1.91
CA ILE D 189 -2.14 9.10 1.16
C ILE D 189 -2.65 10.29 0.37
N GLY D 190 -3.22 10.02 -0.81
CA GLY D 190 -3.69 11.07 -1.67
C GLY D 190 -2.58 11.58 -2.58
N GLY D 191 -2.76 12.81 -3.06
CA GLY D 191 -1.83 13.36 -4.01
C GLY D 191 -1.89 12.69 -5.37
N ASP D 192 -3.06 12.16 -5.74
CA ASP D 192 -3.25 11.57 -7.05
C ASP D 192 -3.60 12.65 -8.06
N ASN D 193 -3.16 12.43 -9.30
CA ASN D 193 -3.39 13.38 -10.38
C ASN D 193 -4.59 12.96 -11.20
N LEU D 194 -5.46 13.92 -11.50
CA LEU D 194 -6.69 13.69 -12.24
C LEU D 194 -6.61 14.43 -13.57
N ILE D 195 -7.12 13.80 -14.63
CA ILE D 195 -7.24 14.41 -15.95
C ILE D 195 -8.71 14.46 -16.32
N ALA D 196 -9.18 15.63 -16.74
CA ALA D 196 -10.59 15.84 -17.07
C ALA D 196 -10.72 16.62 -18.36
N ASN D 197 -11.50 16.10 -19.31
CA ASN D 197 -11.85 16.86 -20.50
C ASN D 197 -12.75 18.04 -20.15
N SER D 198 -13.63 17.88 -19.17
CA SER D 198 -14.52 18.94 -18.70
C SER D 198 -14.53 18.90 -17.17
N PRO D 199 -15.00 19.95 -16.49
CA PRO D 199 -15.02 19.91 -15.02
C PRO D 199 -16.04 18.96 -14.43
N ARG D 200 -16.83 18.27 -15.25
CA ARG D 200 -17.90 17.40 -14.79
C ARG D 200 -17.57 15.91 -14.88
N GLU D 201 -16.37 15.55 -15.32
CA GLU D 201 -16.00 14.16 -15.48
C GLU D 201 -14.53 13.97 -15.17
N ILE D 202 -14.18 12.77 -14.74
CA ILE D 202 -12.79 12.34 -14.60
C ILE D 202 -12.51 11.31 -15.69
N ASN D 203 -11.52 11.58 -16.53
CA ASN D 203 -11.20 10.70 -17.65
C ASN D 203 -9.96 9.85 -17.43
N GLN D 204 -9.03 10.31 -16.61
CA GLN D 204 -7.79 9.60 -16.38
C GLN D 204 -7.34 9.85 -14.95
N PHE D 205 -6.77 8.81 -14.34
CA PHE D 205 -6.37 8.84 -12.95
C PHE D 205 -4.94 8.33 -12.89
N ILE D 206 -4.01 9.18 -12.50
CA ILE D 206 -2.58 8.87 -12.50
C ILE D 206 -2.04 9.06 -11.10
N SER D 207 -1.36 8.05 -10.58
CA SER D 207 -0.75 8.10 -9.26
C SER D 207 0.75 7.96 -9.43
N LEU D 208 1.47 9.07 -9.25
CA LEU D 208 2.93 9.05 -9.33
C LEU D 208 3.47 8.50 -8.00
N LYS D 209 4.31 7.47 -8.07
CA LYS D 209 4.79 6.85 -6.85
C LYS D 209 6.31 6.79 -6.74
N GLU D 210 7.04 6.57 -7.84
CA GLU D 210 8.48 6.46 -7.65
C GLU D 210 9.19 7.70 -8.19
N PRO D 211 10.31 8.09 -7.54
CA PRO D 211 11.03 9.31 -7.92
C PRO D 211 11.29 9.45 -9.41
N LEU D 212 11.11 10.68 -9.90
CA LEU D 212 11.39 11.15 -11.27
C LEU D 212 10.35 10.69 -12.28
N GLU D 213 9.29 10.03 -11.84
CA GLU D 213 8.14 9.83 -12.72
C GLU D 213 7.51 11.17 -13.05
N THR D 214 7.09 11.32 -14.30
CA THR D 214 6.79 12.64 -14.85
C THR D 214 5.43 12.67 -15.54
N LEU D 215 4.74 13.81 -15.39
CA LEU D 215 3.45 14.06 -16.02
C LEU D 215 3.47 15.45 -16.66
N VAL D 216 3.10 15.54 -17.92
CA VAL D 216 3.08 16.79 -18.67
C VAL D 216 1.64 17.24 -18.89
N PHE D 217 1.35 18.51 -18.59
CA PHE D 217 0.03 19.07 -18.74
C PHE D 217 0.02 20.11 -19.86
N GLY D 218 -1.00 20.05 -20.71
CA GLY D 218 -1.36 21.14 -21.59
C GLY D 218 -2.68 21.76 -21.16
N GLN D 219 -3.09 22.76 -21.93
CA GLN D 219 -4.31 23.50 -21.61
C GLN D 219 -5.52 22.94 -22.35
N LYS D 220 -5.34 21.83 -23.07
CA LYS D 220 -6.45 21.17 -23.76
C LYS D 220 -7.36 20.40 -22.80
N VAL D 221 -6.88 20.08 -21.60
CA VAL D 221 -7.65 19.34 -20.61
C VAL D 221 -7.52 20.04 -19.26
N PHE D 222 -8.44 19.71 -18.36
CA PHE D 222 -8.29 20.11 -16.97
C PHE D 222 -7.50 19.04 -16.21
N HIS D 223 -6.83 19.46 -15.14
CA HIS D 223 -6.18 18.52 -14.25
C HIS D 223 -6.34 19.00 -12.82
N ALA D 224 -6.00 18.11 -11.89
CA ALA D 224 -6.01 18.45 -10.47
C ALA D 224 -5.11 17.48 -9.74
N VAL D 225 -4.76 17.82 -8.51
CA VAL D 225 -4.06 16.91 -7.61
C VAL D 225 -4.90 16.78 -6.35
N THR D 226 -5.24 15.53 -6.02
CA THR D 226 -6.01 15.23 -4.83
C THR D 226 -5.25 15.68 -3.58
N PRO D 227 -5.95 16.09 -2.52
CA PRO D 227 -5.26 16.48 -1.28
C PRO D 227 -4.36 15.38 -0.74
N LEU D 228 -3.36 15.81 0.03
CA LEU D 228 -2.41 14.91 0.66
C LEU D 228 -2.75 14.74 2.14
N GLY D 229 -2.84 13.48 2.58
CA GLY D 229 -3.17 13.16 3.95
C GLY D 229 -2.24 12.10 4.51
N THR D 230 -2.47 11.77 5.77
CA THR D 230 -1.81 10.63 6.40
C THR D 230 -2.69 10.13 7.54
N GLU D 231 -2.77 8.81 7.68
CA GLU D 231 -3.34 8.18 8.86
C GLU D 231 -2.30 7.82 9.90
N CYS D 232 -1.12 8.43 9.85
CA CYS D 232 -0.03 8.07 10.73
C CYS D 232 0.30 9.22 11.68
N SER D 233 1.08 8.88 12.70
CA SER D 233 1.42 9.86 13.73
C SER D 233 2.55 10.77 13.29
N THR D 234 3.18 10.50 12.15
CA THR D 234 4.29 11.30 11.67
C THR D 234 3.86 12.17 10.49
N GLU D 235 4.73 13.11 10.15
CA GLU D 235 4.50 14.02 9.04
C GLU D 235 4.82 13.34 7.72
N ALA D 236 3.92 13.46 6.75
CA ALA D 236 4.10 12.90 5.42
C ALA D 236 4.39 14.02 4.42
N PHE D 237 5.22 13.71 3.43
CA PHE D 237 5.69 14.69 2.47
C PHE D 237 5.40 14.22 1.06
N ARG D 238 5.22 15.18 0.16
CA ARG D 238 5.22 14.93 -1.28
C ARG D 238 6.08 16.01 -1.90
N ASP D 239 7.28 15.64 -2.35
CA ASP D 239 8.26 16.58 -2.87
C ASP D 239 8.17 16.60 -4.38
N ILE D 240 7.96 17.79 -4.94
CA ILE D 240 7.69 17.92 -6.36
C ILE D 240 8.61 18.94 -7.00
N LEU D 241 8.80 18.79 -8.31
CA LEU D 241 9.46 19.80 -9.14
C LEU D 241 8.56 20.12 -10.31
N LEU D 242 8.22 21.40 -10.47
CA LEU D 242 7.46 21.88 -11.61
C LEU D 242 8.38 22.65 -12.55
N VAL D 243 8.31 22.34 -13.84
CA VAL D 243 9.03 23.08 -14.86
C VAL D 243 7.98 23.62 -15.83
N THR D 244 7.75 24.93 -15.79
CA THR D 244 6.71 25.57 -16.57
C THR D 244 7.32 26.45 -17.65
N PHE D 245 6.61 26.55 -18.76
CA PHE D 245 7.01 27.38 -19.89
C PHE D 245 5.91 28.42 -20.11
N SER D 246 6.27 29.69 -19.99
CA SER D 246 5.35 30.78 -20.23
C SER D 246 6.10 31.88 -20.95
N TYR D 247 5.33 32.81 -21.52
CA TYR D 247 5.91 33.88 -22.32
C TYR D 247 6.31 35.04 -21.42
N LYS D 248 7.43 35.67 -21.77
CA LYS D 248 7.93 36.82 -20.99
C LYS D 248 6.88 37.91 -20.97
N GLU D 249 6.33 38.20 -22.13
CA GLU D 249 5.27 39.15 -22.35
C GLU D 249 4.72 38.98 -23.76
HG HG E . -1.18 -22.90 10.01
HG HG F . -0.96 -2.31 -11.11
HG HG G . -5.24 -1.54 9.30
FE FE H . 6.54 -24.23 -3.92
HG HG I . 7.36 0.52 -8.92
HG HG J . 23.65 -9.83 2.31
HG HG K . 27.26 12.69 21.54
FE FE L . 17.62 -10.23 14.87
FE FE M . -21.88 12.43 -0.65
HG HG N . -0.89 4.92 9.44
FE FE O . -1.98 22.79 -12.06
#